data_9DSO
#
_entry.id   9DSO
#
_cell.length_a   1.00
_cell.length_b   1.00
_cell.length_c   1.00
_cell.angle_alpha   90.00
_cell.angle_beta   90.00
_cell.angle_gamma   90.00
#
_symmetry.space_group_name_H-M   'P 1'
#
loop_
_entity.id
_entity.type
_entity.pdbx_description
1 polymer "5'-3' exoribonuclease 2"
2 polymer 'Decapping nuclease RAI1'
3 polymer 'Regulator of Ty1 transposition protein 103'
4 non-polymer 'MAGNESIUM ION'
#
loop_
_entity_poly.entity_id
_entity_poly.type
_entity_poly.pdbx_seq_one_letter_code
_entity_poly.pdbx_strand_id
1 'polypeptide(L)'
;MGVPSFFRWLSRKYPKIISPVLEEQPQIVDGVILPLDYSASNPNGELDNLYLDMNGIVHPCSHPENKPPPETEDEMLLAV
FEYTNRVLNMARPRKVLVMAVDGVAPRAKMNQQRARRFRSARDAQIENEAREEIMRQREEVGEIIDDAVRNKKTWDSNAI
TPGTPFMDKLAAALRYWTAFKLATDPGWKNLQVIISDATVPGEGEHKIMNFIRSQRADPEYNPNTTHCIYGLDADLIFLG
LATHEPHFKILREDVFAQDNRKRNNLKDTINMTEEEKQFLQKQNSEQPFLWLHINVLREYLSAELWVPGLPFTFDLERAI
DDWVFMCFFCGNDFLPHLPCLDVRENSIDILLDIWKVVLPKLKTYMTCDGVLNLPSVETLLQHLGSREGDIFKTRHIQEA
RKKEAFERRKAQKNMSKGQDRHPTVATEQLQMYDTQGNLAKGSWNLTTSDMVRLKKELMLANEGNEEAIAKVKQQSDKNN
ELMKDISKEEIDDAVSKANKTNFNLAEVMKQKIINKKHRLEKDNEEEEIAKDSKKVKTEKAESECDLDAEIKDEIVADVN
DRENSETTEVSRDSPVHSTVNVSEGPKNGVFDTDEFVKLFEPGYHERYYTAKFHVTPQDIEQLRKDMVKCYIEGVAWVLM
YYYQGCASWNWFYPYHYAPLATDFHGFSHLEIKFEEGTPFLPYEQLMSVLPAASGHALPKIFRSLMSEPDSEIIDFYPEE
FPIDMNGKKMSWQGIALLPFIDQDRLLTAVRAQYPLLSDAERARNIRGEPVLLISNKNANYERFSKKLYSKENNNNNVVV
KFQHFKSGLSGIVSKDVEGFELNGKIVCPIQGGSLPNLSTTLILKMSYRLIPLPSRNKSIILNGFIPSEPVLTAYDLDSI
MYKYNNQNYSRRWNFGNDLKQNIVPVGPKGITQYKPRTGGYRAFFYFAELSRNNVQPAHNYGRNSYNSQPGFNNSRYDGG
NNNYRQNSNYRNNKYSGNRNSLEHHHHHH
;
A
2 'polypeptide(L)'
;MGVSANLFVKQRGSTTALKQPKEIGFYSRTKDEEYLISDDTNLNYYYLPDAELDRKLDLSSGFQKFKDYYKDFEDRCSLR
GLLETIESSERHKGKKINADIITFRGIARKLISCAFDSPSFNTVDLRIVSFNGQLFIKEVPEAVNAAKASSATEAGRNIN
QDLNVFTGYKFETLATLSNPLQYTPREVIEKRTKRIVSHGDEYISVVRTGVGNCKLILGAEVDCIFDFKENGRDNLKHYA
ELKCTQQVANISDTHKFERKLFRTWLQCFLVGIPRIIYGFKDDHYVLKTVEEFSTEEVPVLLKNNNPQVGSACLEAIKWY
GLLTEWLLKMIPRDEDPHSQIRAFKLVFENNHLRLSEIEESDEEYSGLIDGEHILSNGFKEWRKSLK
;
B
3 'polypeptide(L)'
;MGSSHHHHHHSSGLVPRGSHMPFSSEQFTTKLNTLEDSQESISSASKWLLLQYRDAPKVAEMWKEYMLRPSVNTRRKLLG
LYLMNHVVQQAKGQKIIQFQDSFGKVAAEVLGRINQEFPRDLKKKLSRVVNILKERNIFSKQVVNDIERSLKTESSPVEA
LVLPQKLKDFAKDYEKLVKMHHNVCAMKMRFDKSSDELDPSSSVYEENFKTISKIGNMAKDIINESILKRESGIHKLQST
LDDEKRHLDEEQNMLSEIEFVLSAKDPSRLNKNVDEDNIIPTYEVGDGDDDDDDGDNDDDDDDDDDDKNYDDRSNDSNYG
VTNISTTDKKNEVVEKTDSEHKNSTHNPSDNQFGMKRTHDMIGHDDANDIPEKKVHLDSKTSEDGTFNSEDGHYELDIEG
HVGAQTDEGVENSGGVSSSIQDLLSKLAN
;
C
#
loop_
_chem_comp.id
_chem_comp.type
_chem_comp.name
_chem_comp.formula
MG non-polymer 'MAGNESIUM ION' 'Mg 2'
#
# COMPACT_ATOMS: atom_id res chain seq x y z
N VAL A 3 -15.29 9.29 -28.86
CA VAL A 3 -14.66 8.49 -27.83
C VAL A 3 -13.28 8.05 -28.29
N PRO A 4 -12.28 8.21 -27.42
CA PRO A 4 -10.93 7.75 -27.77
C PRO A 4 -10.89 6.24 -27.93
N SER A 5 -9.93 5.78 -28.74
CA SER A 5 -9.79 4.34 -28.99
C SER A 5 -9.46 3.57 -27.72
N PHE A 6 -8.65 4.17 -26.83
CA PHE A 6 -8.31 3.50 -25.59
C PHE A 6 -9.55 3.25 -24.75
N PHE A 7 -10.42 4.25 -24.62
CA PHE A 7 -11.60 4.10 -23.78
C PHE A 7 -12.66 3.22 -24.45
N ARG A 8 -12.73 3.23 -25.78
CA ARG A 8 -13.60 2.28 -26.46
C ARG A 8 -13.15 0.85 -26.21
N TRP A 9 -11.83 0.61 -26.27
CA TRP A 9 -11.29 -0.72 -25.96
C TRP A 9 -11.57 -1.11 -24.52
N LEU A 10 -11.37 -0.18 -23.58
CA LEU A 10 -11.61 -0.45 -22.18
C LEU A 10 -13.08 -0.76 -21.91
N SER A 11 -13.98 0.01 -22.52
CA SER A 11 -15.41 -0.24 -22.35
C SER A 11 -15.83 -1.57 -22.94
N ARG A 12 -15.29 -1.93 -24.10
CA ARG A 12 -15.66 -3.19 -24.72
C ARG A 12 -15.11 -4.38 -23.94
N LYS A 13 -13.90 -4.26 -23.42
CA LYS A 13 -13.20 -5.38 -22.80
C LYS A 13 -13.49 -5.50 -21.31
N TYR A 14 -13.56 -4.38 -20.59
CA TYR A 14 -13.79 -4.37 -19.15
C TYR A 14 -14.92 -3.40 -18.83
N PRO A 15 -16.16 -3.77 -19.13
CA PRO A 15 -17.27 -2.81 -19.03
C PRO A 15 -17.67 -2.48 -17.60
N LYS A 16 -17.48 -3.40 -16.66
CA LYS A 16 -18.02 -3.25 -15.32
C LYS A 16 -17.10 -2.49 -14.38
N ILE A 17 -15.99 -1.95 -14.89
CA ILE A 17 -15.16 -1.06 -14.08
C ILE A 17 -15.61 0.39 -14.20
N ILE A 18 -16.56 0.68 -15.08
CA ILE A 18 -16.98 2.04 -15.37
C ILE A 18 -18.32 2.28 -14.69
N SER A 19 -18.38 3.28 -13.83
CA SER A 19 -19.61 3.64 -13.14
C SER A 19 -19.81 5.15 -13.18
N PRO A 20 -21.05 5.61 -13.12
CA PRO A 20 -21.29 7.06 -13.20
C PRO A 20 -21.15 7.73 -11.85
N VAL A 21 -20.69 8.98 -11.89
CA VAL A 21 -20.54 9.79 -10.69
C VAL A 21 -21.87 10.45 -10.38
N LEU A 22 -22.33 10.29 -9.14
CA LEU A 22 -23.57 10.90 -8.69
C LEU A 22 -23.25 12.28 -8.12
N GLU A 23 -23.61 13.32 -8.88
CA GLU A 23 -23.37 14.70 -8.47
C GLU A 23 -24.61 15.21 -7.77
N GLU A 24 -24.49 15.47 -6.47
CA GLU A 24 -25.63 15.89 -5.65
C GLU A 24 -25.82 17.40 -5.80
N GLN A 25 -26.90 17.80 -6.47
CA GLN A 25 -27.16 19.22 -6.67
C GLN A 25 -27.52 19.88 -5.35
N PRO A 26 -27.12 21.13 -5.16
CA PRO A 26 -27.44 21.83 -3.90
C PRO A 26 -28.94 21.99 -3.72
N GLN A 27 -29.38 21.86 -2.47
CA GLN A 27 -30.79 21.99 -2.16
C GLN A 27 -31.25 23.44 -2.28
N ILE A 28 -32.55 23.61 -2.54
CA ILE A 28 -33.15 24.94 -2.68
C ILE A 28 -34.31 25.04 -1.70
N VAL A 29 -34.39 26.17 -1.01
CA VAL A 29 -35.51 26.46 -0.12
C VAL A 29 -35.62 27.97 0.04
N ASP A 30 -36.86 28.48 0.02
CA ASP A 30 -37.15 29.90 0.19
C ASP A 30 -36.42 30.76 -0.84
N GLY A 31 -36.12 30.19 -2.01
CA GLY A 31 -35.45 30.94 -3.05
C GLY A 31 -34.01 31.27 -2.75
N VAL A 32 -33.36 30.56 -1.83
CA VAL A 32 -31.98 30.79 -1.45
C VAL A 32 -31.21 29.50 -1.69
N ILE A 33 -30.07 29.60 -2.38
CA ILE A 33 -29.25 28.43 -2.68
C ILE A 33 -28.57 27.96 -1.40
N LEU A 34 -28.84 26.72 -1.02
CA LEU A 34 -28.18 26.14 0.15
C LEU A 34 -26.84 25.54 -0.25
N PRO A 35 -25.75 25.92 0.41
CA PRO A 35 -24.45 25.34 0.08
C PRO A 35 -24.44 23.83 0.30
N LEU A 36 -23.68 23.14 -0.54
CA LEU A 36 -23.57 21.69 -0.41
C LEU A 36 -22.89 21.32 0.90
N ASP A 37 -23.45 20.33 1.59
CA ASP A 37 -22.91 19.86 2.86
C ASP A 37 -21.78 18.88 2.57
N TYR A 38 -20.55 19.33 2.74
CA TYR A 38 -19.39 18.48 2.47
C TYR A 38 -19.35 17.29 3.43
N SER A 39 -19.69 17.51 4.69
CA SER A 39 -19.61 16.47 5.71
C SER A 39 -20.72 15.44 5.58
N ALA A 40 -21.69 15.66 4.71
CA ALA A 40 -22.77 14.70 4.52
C ALA A 40 -22.26 13.43 3.84
N SER A 41 -23.10 12.40 3.84
CA SER A 41 -22.73 11.12 3.27
C SER A 41 -22.57 11.23 1.77
N ASN A 42 -21.50 10.62 1.25
CA ASN A 42 -21.21 10.66 -0.17
C ASN A 42 -22.08 9.66 -0.92
N PRO A 43 -22.83 10.08 -1.93
CA PRO A 43 -23.60 9.09 -2.71
C PRO A 43 -22.73 8.06 -3.40
N ASN A 44 -21.52 8.45 -3.82
CA ASN A 44 -20.66 7.52 -4.54
C ASN A 44 -20.06 6.47 -3.62
N GLY A 45 -19.63 6.87 -2.44
CA GLY A 45 -19.00 5.97 -1.48
C GLY A 45 -17.90 6.74 -0.80
N GLU A 46 -17.61 6.36 0.44
CA GLU A 46 -16.66 7.11 1.24
C GLU A 46 -15.24 6.96 0.69
N LEU A 47 -14.50 8.06 0.72
CA LEU A 47 -13.15 8.12 0.21
C LEU A 47 -12.23 8.67 1.28
N ASP A 48 -10.98 8.19 1.29
CA ASP A 48 -9.99 8.65 2.25
C ASP A 48 -8.95 9.57 1.63
N ASN A 49 -8.33 9.16 0.52
CA ASN A 49 -7.27 9.93 -0.12
C ASN A 49 -7.69 10.29 -1.53
N LEU A 50 -7.51 11.56 -1.89
CA LEU A 50 -7.73 12.04 -3.25
C LEU A 50 -6.45 12.69 -3.75
N TYR A 51 -5.99 12.26 -4.92
CA TYR A 51 -4.82 12.81 -5.57
C TYR A 51 -5.25 13.50 -6.85
N LEU A 52 -4.88 14.77 -6.98
CA LEU A 52 -5.23 15.56 -8.15
C LEU A 52 -3.98 15.77 -8.99
N ASP A 53 -4.05 15.36 -10.25
CA ASP A 53 -3.06 15.77 -11.25
C ASP A 53 -3.55 17.09 -11.82
N MET A 54 -2.97 18.19 -11.32
CA MET A 54 -3.51 19.51 -11.61
C MET A 54 -3.43 19.88 -13.08
N ASN A 55 -2.53 19.24 -13.84
CA ASN A 55 -2.49 19.49 -15.27
C ASN A 55 -3.79 19.07 -15.96
N GLY A 56 -4.52 18.13 -15.37
CA GLY A 56 -5.83 17.77 -15.87
C GLY A 56 -6.94 18.71 -15.49
N ILE A 57 -6.63 19.74 -14.71
CA ILE A 57 -7.59 20.78 -14.36
C ILE A 57 -7.25 22.11 -15.00
N VAL A 58 -5.97 22.49 -15.01
CA VAL A 58 -5.59 23.77 -15.58
C VAL A 58 -5.79 23.76 -17.10
N HIS A 59 -5.52 22.62 -17.75
CA HIS A 59 -5.65 22.58 -19.20
C HIS A 59 -7.10 22.73 -19.66
N PRO A 60 -8.08 22.01 -19.09
CA PRO A 60 -9.48 22.32 -19.45
C PRO A 60 -9.88 23.73 -19.09
N CYS A 61 -9.32 24.29 -18.02
CA CYS A 61 -9.66 25.66 -17.64
C CYS A 61 -9.03 26.67 -18.58
N SER A 62 -7.83 26.39 -19.08
CA SER A 62 -7.14 27.34 -19.93
C SER A 62 -7.80 27.47 -21.29
N HIS A 63 -8.12 26.35 -21.93
CA HIS A 63 -8.79 26.33 -23.23
C HIS A 63 -9.95 25.35 -23.21
N PRO A 64 -11.07 25.72 -22.59
CA PRO A 64 -12.23 24.84 -22.60
C PRO A 64 -12.86 24.76 -23.97
N GLU A 65 -13.48 23.60 -24.26
CA GLU A 65 -14.26 23.45 -25.48
C GLU A 65 -15.72 23.82 -25.28
N ASN A 66 -16.17 24.03 -24.04
CA ASN A 66 -17.54 24.44 -23.80
C ASN A 66 -17.76 25.90 -24.16
N LYS A 67 -16.82 26.76 -23.79
CA LYS A 67 -16.96 28.20 -23.89
C LYS A 67 -15.64 28.79 -24.38
N PRO A 68 -15.64 30.03 -24.85
CA PRO A 68 -14.38 30.67 -25.23
C PRO A 68 -13.45 30.74 -24.03
N PRO A 69 -12.14 30.64 -24.27
CA PRO A 69 -11.20 30.62 -23.16
C PRO A 69 -11.20 31.94 -22.43
N PRO A 70 -10.83 31.95 -21.15
CA PRO A 70 -10.80 33.20 -20.38
C PRO A 70 -9.84 34.21 -20.99
N GLU A 71 -10.23 35.49 -20.90
CA GLU A 71 -9.41 36.54 -21.49
C GLU A 71 -8.13 36.79 -20.69
N THR A 72 -8.24 36.87 -19.37
CA THR A 72 -7.12 37.18 -18.50
C THR A 72 -6.68 35.94 -17.72
N GLU A 73 -5.59 36.10 -16.96
CA GLU A 73 -5.12 35.01 -16.13
C GLU A 73 -5.97 34.83 -14.89
N ASP A 74 -6.48 35.92 -14.31
CA ASP A 74 -7.31 35.82 -13.13
C ASP A 74 -8.58 35.05 -13.40
N GLU A 75 -9.16 35.22 -14.59
CA GLU A 75 -10.33 34.43 -14.95
C GLU A 75 -9.98 32.95 -15.06
N MET A 76 -8.78 32.64 -15.56
CA MET A 76 -8.32 31.25 -15.58
C MET A 76 -8.19 30.69 -14.17
N LEU A 77 -7.67 31.49 -13.23
CA LEU A 77 -7.54 31.01 -11.86
C LEU A 77 -8.89 30.85 -11.19
N LEU A 78 -9.86 31.72 -11.49
CA LEU A 78 -11.21 31.55 -10.97
C LEU A 78 -11.85 30.28 -11.52
N ALA A 79 -11.66 30.02 -12.80
CA ALA A 79 -12.14 28.77 -13.39
C ALA A 79 -11.46 27.56 -12.77
N VAL A 80 -10.16 27.68 -12.45
CA VAL A 80 -9.45 26.60 -11.78
C VAL A 80 -10.05 26.34 -10.41
N PHE A 81 -10.36 27.41 -9.67
CA PHE A 81 -11.00 27.26 -8.36
C PHE A 81 -12.34 26.56 -8.49
N GLU A 82 -13.15 26.95 -9.47
CA GLU A 82 -14.46 26.32 -9.65
C GLU A 82 -14.33 24.85 -10.01
N TYR A 83 -13.42 24.52 -10.93
CA TYR A 83 -13.23 23.12 -11.33
C TYR A 83 -12.74 22.28 -10.16
N THR A 84 -11.76 22.77 -9.40
CA THR A 84 -11.28 22.02 -8.25
C THR A 84 -12.39 21.83 -7.23
N ASN A 85 -13.18 22.88 -6.97
CA ASN A 85 -14.25 22.76 -6.00
C ASN A 85 -15.29 21.73 -6.44
N ARG A 86 -15.63 21.72 -7.73
CA ARG A 86 -16.57 20.73 -8.23
C ARG A 86 -16.03 19.31 -8.08
N VAL A 87 -14.75 19.12 -8.43
CA VAL A 87 -14.16 17.79 -8.33
C VAL A 87 -14.14 17.31 -6.89
N LEU A 88 -13.78 18.19 -5.95
CA LEU A 88 -13.75 17.78 -4.56
C LEU A 88 -15.14 17.62 -3.96
N ASN A 89 -16.13 18.34 -4.45
CA ASN A 89 -17.50 18.11 -3.99
C ASN A 89 -18.02 16.77 -4.46
N MET A 90 -17.68 16.36 -5.68
CA MET A 90 -18.13 15.05 -6.14
C MET A 90 -17.30 13.90 -5.60
N ALA A 91 -16.05 14.14 -5.23
CA ALA A 91 -15.21 13.08 -4.67
C ALA A 91 -15.30 13.02 -3.14
N ARG A 92 -15.06 14.15 -2.49
CA ARG A 92 -15.12 14.31 -1.03
C ARG A 92 -14.15 13.40 -0.31
N PRO A 93 -12.85 13.63 -0.39
CA PRO A 93 -11.92 12.91 0.49
C PRO A 93 -12.19 13.24 1.94
N ARG A 94 -11.94 12.26 2.81
CA ARG A 94 -12.14 12.46 4.24
C ARG A 94 -10.85 12.71 5.00
N LYS A 95 -9.71 12.25 4.49
CA LYS A 95 -8.46 12.36 5.22
C LYS A 95 -7.40 13.16 4.49
N VAL A 96 -7.07 12.81 3.25
CA VAL A 96 -5.90 13.38 2.57
C VAL A 96 -6.32 13.97 1.23
N LEU A 97 -5.74 15.12 0.89
CA LEU A 97 -5.82 15.70 -0.45
C LEU A 97 -4.41 16.05 -0.91
N VAL A 98 -4.05 15.61 -2.11
CA VAL A 98 -2.73 15.86 -2.69
C VAL A 98 -2.93 16.57 -4.02
N MET A 99 -2.31 17.74 -4.16
CA MET A 99 -2.34 18.51 -5.40
C MET A 99 -0.96 18.44 -6.03
N ALA A 100 -0.86 17.72 -7.15
CA ALA A 100 0.41 17.46 -7.81
C ALA A 100 0.45 18.25 -9.11
N VAL A 101 1.30 19.26 -9.16
CA VAL A 101 1.53 20.05 -10.37
C VAL A 101 2.88 19.63 -10.93
N ASP A 102 2.94 19.47 -12.25
CA ASP A 102 4.13 18.97 -12.90
C ASP A 102 5.32 19.87 -12.64
N GLY A 103 6.43 19.28 -12.23
CA GLY A 103 7.69 19.96 -12.06
C GLY A 103 8.65 19.69 -13.19
N VAL A 104 9.94 19.80 -12.91
CA VAL A 104 10.95 19.55 -13.92
C VAL A 104 11.02 18.05 -14.19
N ALA A 105 10.63 17.65 -15.40
CA ALA A 105 10.62 16.26 -15.79
C ALA A 105 12.03 15.81 -16.18
N PRO A 106 12.29 14.50 -16.16
CA PRO A 106 13.60 13.99 -16.58
C PRO A 106 13.81 14.18 -18.08
N ARG A 107 15.08 14.07 -18.49
CA ARG A 107 15.46 14.34 -19.87
C ARG A 107 14.69 13.49 -20.86
N ALA A 108 14.34 12.25 -20.49
CA ALA A 108 13.56 11.40 -21.38
C ALA A 108 12.20 12.02 -21.68
N LYS A 109 11.56 12.60 -20.68
CA LYS A 109 10.31 13.33 -20.90
C LYS A 109 10.57 14.70 -21.54
N MET A 110 11.72 15.31 -21.25
CA MET A 110 12.01 16.63 -21.81
C MET A 110 12.19 16.59 -23.31
N ASN A 111 12.69 15.48 -23.87
CA ASN A 111 12.77 15.39 -25.33
C ASN A 111 11.39 15.45 -25.96
N GLN A 112 10.44 14.68 -25.44
CA GLN A 112 9.08 14.70 -25.96
C GLN A 112 8.43 16.05 -25.74
N GLN A 113 8.70 16.68 -24.59
CA GLN A 113 8.17 18.01 -24.34
C GLN A 113 8.72 19.02 -25.35
N ARG A 114 10.02 18.94 -25.65
CA ARG A 114 10.61 19.84 -26.63
C ARG A 114 9.96 19.66 -27.99
N ALA A 115 9.80 18.41 -28.43
CA ALA A 115 9.12 18.17 -29.70
C ALA A 115 7.69 18.70 -29.69
N ARG A 116 6.97 18.49 -28.59
CA ARG A 116 5.58 18.92 -28.51
C ARG A 116 5.46 20.44 -28.58
N ARG A 117 6.29 21.16 -27.82
CA ARG A 117 6.24 22.61 -27.88
C ARG A 117 6.69 23.14 -29.24
N PHE A 118 7.71 22.53 -29.86
CA PHE A 118 8.12 22.97 -31.18
C PHE A 118 6.99 22.83 -32.19
N ARG A 119 6.29 21.70 -32.16
CA ARG A 119 5.17 21.51 -33.08
C ARG A 119 4.02 22.48 -32.77
N SER A 120 3.61 22.56 -31.50
CA SER A 120 2.51 23.41 -31.10
C SER A 120 2.82 24.89 -31.26
N ALA A 121 4.08 25.26 -31.45
CA ALA A 121 4.45 26.62 -31.84
C ALA A 121 4.42 26.82 -33.34
N ARG A 122 5.14 25.99 -34.10
CA ARG A 122 5.28 26.23 -35.54
C ARG A 122 3.97 25.98 -36.29
N ASP A 123 3.32 24.84 -36.04
CA ASP A 123 2.09 24.53 -36.74
C ASP A 123 0.95 25.46 -36.33
N ALA A 124 1.01 26.02 -35.11
CA ALA A 124 0.02 27.00 -34.72
C ALA A 124 0.30 28.36 -35.34
N GLN A 125 1.56 28.75 -35.43
CA GLN A 125 1.88 30.07 -35.97
C GLN A 125 1.68 30.12 -37.47
N ILE A 126 1.82 28.99 -38.17
CA ILE A 126 1.51 29.02 -39.59
C ILE A 126 0.02 29.30 -39.82
N GLU A 127 -0.86 28.67 -39.03
CA GLU A 127 -2.29 28.93 -39.14
C GLU A 127 -2.62 30.34 -38.68
N ASN A 128 -1.94 30.84 -37.65
CA ASN A 128 -2.15 32.21 -37.22
C ASN A 128 -1.76 33.20 -38.31
N GLU A 129 -0.64 32.96 -38.99
CA GLU A 129 -0.24 33.81 -40.10
C GLU A 129 -1.25 33.75 -41.24
N ALA A 130 -1.77 32.55 -41.53
CA ALA A 130 -2.80 32.43 -42.56
C ALA A 130 -4.03 33.25 -42.22
N ARG A 131 -4.51 33.13 -40.97
CA ARG A 131 -5.70 33.89 -40.55
C ARG A 131 -5.43 35.39 -40.56
N GLU A 132 -4.25 35.81 -40.11
CA GLU A 132 -3.91 37.23 -40.10
C GLU A 132 -3.83 37.78 -41.52
N GLU A 133 -3.25 37.03 -42.45
CA GLU A 133 -3.20 37.47 -43.84
C GLU A 133 -4.59 37.55 -44.44
N ILE A 134 -5.46 36.59 -44.11
CA ILE A 134 -6.84 36.62 -44.61
C ILE A 134 -7.55 37.86 -44.10
N MET A 135 -7.38 38.18 -42.81
CA MET A 135 -8.02 39.36 -42.23
C MET A 135 -7.47 40.64 -42.84
N ARG A 136 -6.14 40.71 -43.04
CA ARG A 136 -5.53 41.94 -43.55
C ARG A 136 -5.89 42.18 -45.01
N GLN A 137 -5.98 41.12 -45.81
CA GLN A 137 -6.28 41.28 -47.23
C GLN A 137 -7.66 41.88 -47.43
N ARG A 138 -8.64 41.45 -46.65
CA ARG A 138 -10.00 41.97 -46.74
C ARG A 138 -10.07 43.40 -46.23
N LYS A 152 -6.38 40.78 -31.44
CA LYS A 152 -6.49 39.72 -30.44
C LYS A 152 -5.44 38.64 -30.69
N LYS A 153 -4.69 38.30 -29.64
CA LYS A 153 -3.64 37.30 -29.71
C LYS A 153 -4.02 36.11 -28.84
N THR A 154 -3.85 34.90 -29.38
CA THR A 154 -4.18 33.70 -28.64
C THR A 154 -3.17 33.46 -27.51
N TRP A 155 -3.66 33.00 -26.37
CA TRP A 155 -2.79 32.69 -25.25
C TRP A 155 -1.95 31.46 -25.56
N ASP A 156 -0.65 31.55 -25.29
CA ASP A 156 0.26 30.46 -25.56
C ASP A 156 0.09 29.36 -24.51
N SER A 157 -0.15 28.14 -24.98
CA SER A 157 -0.29 27.01 -24.07
C SER A 157 1.04 26.62 -23.44
N ASN A 158 2.16 27.17 -23.92
CA ASN A 158 3.46 26.89 -23.33
C ASN A 158 3.69 27.64 -22.02
N ALA A 159 2.74 28.47 -21.59
CA ALA A 159 2.82 29.08 -20.28
C ALA A 159 2.59 28.07 -19.16
N ILE A 160 2.01 26.91 -19.48
CA ILE A 160 1.84 25.83 -18.49
C ILE A 160 3.14 25.03 -18.56
N THR A 161 4.15 25.51 -17.83
CA THR A 161 5.48 24.91 -17.83
C THR A 161 6.21 25.45 -16.63
N PRO A 162 6.93 24.62 -15.88
CA PRO A 162 7.67 25.14 -14.72
C PRO A 162 8.62 26.25 -15.12
N GLY A 163 8.71 27.27 -14.27
CA GLY A 163 9.57 28.41 -14.49
C GLY A 163 8.86 29.66 -14.97
N THR A 164 7.64 29.54 -15.46
CA THR A 164 6.89 30.69 -15.91
C THR A 164 6.25 31.42 -14.73
N PRO A 165 6.01 32.73 -14.86
CA PRO A 165 5.31 33.45 -13.78
C PRO A 165 3.91 32.94 -13.52
N PHE A 166 3.23 32.43 -14.55
CA PHE A 166 1.88 31.92 -14.35
C PHE A 166 1.87 30.75 -13.39
N MET A 167 2.96 29.95 -13.38
CA MET A 167 3.04 28.85 -12.43
C MET A 167 3.14 29.35 -11.00
N ASP A 168 3.90 30.43 -10.78
CA ASP A 168 3.95 31.02 -9.44
C ASP A 168 2.59 31.55 -9.03
N LYS A 169 1.88 32.21 -9.96
CA LYS A 169 0.54 32.69 -9.64
C LYS A 169 -0.41 31.54 -9.32
N LEU A 170 -0.31 30.44 -10.07
CA LEU A 170 -1.17 29.29 -9.81
C LEU A 170 -0.83 28.64 -8.46
N ALA A 171 0.45 28.59 -8.11
CA ALA A 171 0.84 28.03 -6.81
C ALA A 171 0.26 28.87 -5.67
N ALA A 172 0.38 30.20 -5.77
CA ALA A 172 -0.18 31.06 -4.75
C ALA A 172 -1.70 30.92 -4.69
N ALA A 173 -2.36 30.81 -5.84
CA ALA A 173 -3.81 30.66 -5.86
C ALA A 173 -4.25 29.35 -5.22
N LEU A 174 -3.54 28.26 -5.52
CA LEU A 174 -3.88 26.98 -4.92
C LEU A 174 -3.69 27.00 -3.41
N ARG A 175 -2.60 27.60 -2.94
CA ARG A 175 -2.39 27.70 -1.50
C ARG A 175 -3.49 28.51 -0.83
N TYR A 176 -3.88 29.64 -1.43
CA TYR A 176 -4.93 30.46 -0.86
C TYR A 176 -6.27 29.71 -0.85
N TRP A 177 -6.60 29.04 -1.95
CA TRP A 177 -7.87 28.33 -2.02
C TRP A 177 -7.93 27.23 -0.98
N THR A 178 -6.82 26.51 -0.80
CA THR A 178 -6.78 25.46 0.22
C THR A 178 -6.95 26.02 1.61
N ALA A 179 -6.28 27.13 1.92
CA ALA A 179 -6.44 27.74 3.24
C ALA A 179 -7.87 28.22 3.45
N PHE A 180 -8.47 28.80 2.43
CA PHE A 180 -9.86 29.26 2.53
C PHE A 180 -10.81 28.11 2.80
N LYS A 181 -10.63 27.00 2.08
CA LYS A 181 -11.51 25.85 2.29
C LYS A 181 -11.30 25.23 3.66
N LEU A 182 -10.07 25.19 4.14
CA LEU A 182 -9.81 24.60 5.45
C LEU A 182 -10.30 25.49 6.58
N ALA A 183 -10.26 26.81 6.41
CA ALA A 183 -10.70 27.74 7.44
C ALA A 183 -12.17 28.10 7.36
N THR A 184 -12.85 27.71 6.28
CA THR A 184 -14.26 28.04 6.11
C THR A 184 -15.17 26.82 6.20
N ASP A 185 -14.90 25.79 5.40
CA ASP A 185 -15.78 24.63 5.35
C ASP A 185 -15.67 23.80 6.62
N PRO A 186 -16.75 23.55 7.35
CA PRO A 186 -16.68 22.68 8.53
C PRO A 186 -16.40 21.23 8.19
N GLY A 187 -16.62 20.79 6.96
CA GLY A 187 -16.32 19.44 6.57
C GLY A 187 -14.87 19.17 6.25
N TRP A 188 -14.02 20.18 6.33
CA TRP A 188 -12.59 20.08 6.05
C TRP A 188 -11.75 20.05 7.31
N LYS A 189 -12.35 19.91 8.48
CA LYS A 189 -11.57 19.96 9.71
C LYS A 189 -10.56 18.82 9.78
N ASN A 190 -10.97 17.62 9.34
CA ASN A 190 -10.09 16.46 9.37
C ASN A 190 -9.29 16.28 8.09
N LEU A 191 -9.57 17.05 7.04
CA LEU A 191 -8.75 16.99 5.85
C LEU A 191 -7.40 17.65 6.08
N GLN A 192 -6.45 17.27 5.25
CA GLN A 192 -5.07 17.69 5.38
C GLN A 192 -4.41 17.61 4.00
N VAL A 193 -4.03 18.77 3.47
CA VAL A 193 -3.82 18.99 2.05
C VAL A 193 -2.33 19.14 1.78
N ILE A 194 -1.82 18.42 0.79
CA ILE A 194 -0.43 18.50 0.38
C ILE A 194 -0.38 19.11 -1.01
N ILE A 195 0.33 20.23 -1.13
CA ILE A 195 0.48 20.94 -2.39
C ILE A 195 1.92 20.76 -2.85
N SER A 196 2.10 20.15 -4.01
CA SER A 196 3.41 19.91 -4.62
C SER A 196 3.37 20.61 -5.98
N ASP A 197 3.74 21.89 -5.98
CA ASP A 197 3.58 22.73 -7.17
C ASP A 197 4.72 22.48 -8.14
N ALA A 198 4.86 23.36 -9.13
CA ALA A 198 5.85 23.20 -10.18
C ALA A 198 7.28 23.42 -9.70
N THR A 199 7.47 23.92 -8.49
CA THR A 199 8.83 24.07 -7.95
C THR A 199 9.39 22.77 -7.41
N VAL A 200 8.58 21.71 -7.31
CA VAL A 200 9.03 20.41 -6.85
C VAL A 200 9.23 19.52 -8.07
N PRO A 201 10.43 19.00 -8.32
CA PRO A 201 10.68 18.24 -9.55
C PRO A 201 9.87 16.95 -9.62
N GLY A 202 9.59 16.54 -10.84
CA GLY A 202 8.81 15.36 -11.11
C GLY A 202 7.47 15.70 -11.74
N GLU A 203 6.88 14.71 -12.40
CA GLU A 203 5.56 14.88 -12.98
C GLU A 203 4.49 14.74 -11.89
N GLY A 204 3.24 15.04 -12.26
CA GLY A 204 2.15 14.89 -11.32
C GLY A 204 1.92 13.44 -10.93
N GLU A 205 1.89 12.55 -11.92
CA GLU A 205 1.64 11.14 -11.63
C GLU A 205 2.85 10.47 -10.99
N HIS A 206 4.05 10.90 -11.34
CA HIS A 206 5.25 10.42 -10.65
C HIS A 206 5.21 10.81 -9.17
N LYS A 207 4.79 12.05 -8.89
CA LYS A 207 4.65 12.50 -7.51
C LYS A 207 3.59 11.69 -6.77
N ILE A 208 2.45 11.43 -7.43
CA ILE A 208 1.38 10.67 -6.79
C ILE A 208 1.85 9.25 -6.47
N MET A 209 2.54 8.62 -7.41
CA MET A 209 3.05 7.27 -7.19
C MET A 209 4.05 7.23 -6.04
N ASN A 210 4.96 8.21 -5.99
CA ASN A 210 5.92 8.25 -4.89
C ASN A 210 5.22 8.45 -3.55
N PHE A 211 4.21 9.31 -3.50
CA PHE A 211 3.44 9.51 -2.28
C PHE A 211 2.79 8.21 -1.82
N ILE A 212 2.14 7.50 -2.74
CA ILE A 212 1.47 6.26 -2.38
C ILE A 212 2.49 5.23 -1.88
N ARG A 213 3.64 5.15 -2.55
CA ARG A 213 4.68 4.20 -2.15
C ARG A 213 5.16 4.49 -0.73
N SER A 214 5.38 5.77 -0.41
CA SER A 214 5.80 6.11 0.94
C SER A 214 4.70 5.83 1.96
N GLN A 215 3.43 5.96 1.56
CA GLN A 215 2.34 5.68 2.48
C GLN A 215 2.25 4.20 2.79
N ARG A 216 2.49 3.34 1.80
CA ARG A 216 2.42 1.90 2.02
C ARG A 216 3.51 1.41 2.99
N ALA A 217 4.69 2.02 2.95
CA ALA A 217 5.83 1.53 3.73
C ALA A 217 5.66 1.73 5.22
N ASP A 218 4.64 2.46 5.66
CA ASP A 218 4.37 2.60 7.08
C ASP A 218 3.78 1.32 7.63
N PRO A 219 4.32 0.79 8.74
CA PRO A 219 3.64 -0.34 9.40
C PRO A 219 2.24 0.00 9.89
N GLU A 220 1.99 1.26 10.26
CA GLU A 220 0.69 1.69 10.75
C GLU A 220 -0.29 2.02 9.64
N TYR A 221 0.13 1.90 8.38
CA TYR A 221 -0.74 2.20 7.26
C TYR A 221 -1.96 1.27 7.26
N ASN A 222 -3.13 1.84 7.07
CA ASN A 222 -4.35 1.05 7.02
C ASN A 222 -4.43 0.32 5.69
N PRO A 223 -4.38 -1.02 5.68
CA PRO A 223 -4.35 -1.73 4.39
C PRO A 223 -5.62 -1.53 3.58
N ASN A 224 -6.70 -1.05 4.18
CA ASN A 224 -7.97 -0.86 3.50
C ASN A 224 -8.27 0.60 3.23
N THR A 225 -7.23 1.42 3.06
CA THR A 225 -7.43 2.80 2.63
C THR A 225 -7.97 2.83 1.22
N THR A 226 -8.93 3.72 0.97
CA THR A 226 -9.53 3.90 -0.33
C THR A 226 -8.92 5.13 -1.00
N HIS A 227 -8.38 4.95 -2.20
CA HIS A 227 -7.71 6.01 -2.93
C HIS A 227 -8.48 6.35 -4.20
N CYS A 228 -8.37 7.62 -4.61
CA CYS A 228 -8.88 8.08 -5.89
C CYS A 228 -7.87 9.04 -6.48
N ILE A 229 -7.66 8.94 -7.78
CA ILE A 229 -6.79 9.86 -8.51
C ILE A 229 -7.60 10.53 -9.60
N TYR A 230 -7.35 11.83 -9.79
CA TYR A 230 -7.96 12.58 -10.87
C TYR A 230 -6.92 12.87 -11.94
N GLY A 231 -7.33 12.75 -13.19
CA GLY A 231 -6.46 13.04 -14.30
C GLY A 231 -7.04 12.51 -15.60
N LEU A 232 -6.66 13.12 -16.72
CA LEU A 232 -7.15 12.70 -18.02
C LEU A 232 -6.23 11.71 -18.72
N ASP A 233 -5.06 11.42 -18.14
CA ASP A 233 -4.13 10.49 -18.76
C ASP A 233 -4.70 9.08 -18.74
N ALA A 234 -4.48 8.37 -19.85
CA ALA A 234 -4.90 6.97 -19.94
C ALA A 234 -3.96 6.01 -19.24
N ASP A 235 -2.74 6.46 -18.90
CA ASP A 235 -1.81 5.65 -18.13
C ASP A 235 -2.28 5.44 -16.69
N LEU A 236 -3.14 6.33 -16.18
CA LEU A 236 -3.53 6.27 -14.78
C LEU A 236 -4.05 4.90 -14.38
N ILE A 237 -4.91 4.32 -15.22
CA ILE A 237 -5.39 2.96 -15.00
C ILE A 237 -4.24 2.03 -14.65
N PHE A 238 -3.25 1.95 -15.54
CA PHE A 238 -2.10 1.08 -15.28
C PHE A 238 -1.37 1.52 -14.02
N LEU A 239 -1.21 2.83 -13.83
CA LEU A 239 -0.59 3.32 -12.60
C LEU A 239 -1.42 2.93 -11.38
N GLY A 240 -2.75 2.96 -11.51
CA GLY A 240 -3.59 2.50 -10.43
C GLY A 240 -3.37 1.04 -10.12
N LEU A 241 -3.05 0.23 -11.14
CA LEU A 241 -2.70 -1.16 -10.91
C LEU A 241 -1.29 -1.28 -10.34
N ALA A 242 -0.42 -0.33 -10.66
CA ALA A 242 0.97 -0.41 -10.21
C ALA A 242 1.09 -0.17 -8.72
N THR A 243 0.06 0.39 -8.09
CA THR A 243 0.08 0.68 -6.66
C THR A 243 -0.12 -0.57 -5.82
N HIS A 244 -0.82 -1.57 -6.36
CA HIS A 244 -1.17 -2.79 -5.64
C HIS A 244 -1.97 -2.47 -4.38
N GLU A 245 -2.77 -1.41 -4.46
CA GLU A 245 -3.75 -1.04 -3.44
C GLU A 245 -5.12 -1.24 -4.07
N PRO A 246 -5.79 -2.37 -3.82
CA PRO A 246 -7.01 -2.68 -4.58
C PRO A 246 -8.16 -1.73 -4.39
N HIS A 247 -8.19 -0.98 -3.29
CA HIS A 247 -9.24 0.02 -3.06
C HIS A 247 -8.84 1.32 -3.77
N PHE A 248 -8.92 1.27 -5.10
CA PHE A 248 -8.44 2.36 -5.93
C PHE A 248 -9.46 2.63 -7.03
N LYS A 249 -9.56 3.90 -7.43
CA LYS A 249 -10.40 4.25 -8.57
C LYS A 249 -9.87 5.55 -9.17
N ILE A 250 -10.28 5.80 -10.42
CA ILE A 250 -9.90 7.00 -11.15
C ILE A 250 -11.16 7.79 -11.44
N LEU A 251 -11.15 9.07 -11.05
CA LEU A 251 -12.21 10.01 -11.39
C LEU A 251 -11.80 10.77 -12.64
N ARG A 252 -12.66 10.76 -13.64
CA ARG A 252 -12.31 11.45 -14.87
C ARG A 252 -13.58 11.94 -15.55
N GLU A 253 -13.41 12.56 -16.71
CA GLU A 253 -14.54 13.14 -17.43
C GLU A 253 -15.19 12.09 -18.33
N ASP A 254 -16.52 12.14 -18.41
CA ASP A 254 -17.29 11.14 -19.15
C ASP A 254 -17.15 11.40 -20.64
N VAL A 255 -16.39 10.53 -21.33
CA VAL A 255 -16.20 10.70 -22.76
C VAL A 255 -17.38 10.13 -23.54
N PHE A 256 -18.07 9.14 -22.97
CA PHE A 256 -19.20 8.55 -23.66
C PHE A 256 -20.39 9.50 -23.70
N ALA A 257 -20.47 10.42 -22.75
CA ALA A 257 -21.47 11.49 -22.83
C ALA A 257 -21.06 12.54 -23.88
N GLN A 258 -19.76 12.81 -24.00
CA GLN A 258 -19.28 13.70 -25.04
C GLN A 258 -19.58 13.15 -26.43
N ASP A 259 -19.50 11.82 -26.60
CA ASP A 259 -19.83 11.22 -27.89
C ASP A 259 -21.26 11.52 -28.27
N ASN A 260 -22.20 11.40 -27.34
CA ASN A 260 -23.61 11.63 -27.61
C ASN A 260 -23.99 13.10 -27.51
N ARG A 261 -23.06 13.96 -27.09
CA ARG A 261 -23.33 15.40 -27.06
C ARG A 261 -23.48 15.97 -28.45
N LYS A 262 -22.84 15.37 -29.45
CA LYS A 262 -22.91 15.87 -30.83
C LYS A 262 -24.24 15.44 -31.44
N ARG A 263 -25.11 16.42 -31.69
CA ARG A 263 -26.41 16.16 -32.28
C ARG A 263 -26.75 17.19 -33.36
N LYS A 277 -33.48 18.26 -25.89
CA LYS A 277 -32.18 18.80 -26.26
C LYS A 277 -31.66 19.74 -25.17
N GLN A 278 -32.56 20.17 -24.30
CA GLN A 278 -32.17 21.06 -23.21
C GLN A 278 -31.29 20.35 -22.19
N PHE A 279 -31.54 19.06 -21.95
CA PHE A 279 -30.68 18.30 -21.06
C PHE A 279 -29.30 18.08 -21.66
N LEU A 280 -29.21 17.99 -23.00
CA LEU A 280 -27.92 17.82 -23.64
C LEU A 280 -27.01 19.00 -23.36
N GLN A 281 -27.54 20.22 -23.42
CA GLN A 281 -26.77 21.41 -23.07
C GLN A 281 -26.73 21.67 -21.57
N LYS A 282 -27.63 21.06 -20.80
CA LYS A 282 -27.45 21.06 -19.34
C LYS A 282 -26.20 20.27 -18.96
N GLN A 283 -25.97 19.15 -19.64
CA GLN A 283 -24.70 18.44 -19.50
C GLN A 283 -23.53 19.28 -19.98
N ASN A 284 -23.77 20.28 -20.83
CA ASN A 284 -22.72 21.25 -21.14
C ASN A 284 -22.52 22.22 -19.99
N SER A 285 -23.62 22.60 -19.31
CA SER A 285 -23.50 23.45 -18.13
C SER A 285 -22.71 22.76 -17.04
N GLU A 286 -22.98 21.48 -16.78
CA GLU A 286 -22.18 20.66 -15.89
C GLU A 286 -21.90 19.33 -16.60
N GLN A 287 -20.63 19.06 -16.84
CA GLN A 287 -20.21 17.86 -17.54
C GLN A 287 -20.22 16.67 -16.59
N PRO A 288 -20.85 15.56 -16.96
CA PRO A 288 -20.83 14.38 -16.09
C PRO A 288 -19.44 13.76 -16.04
N PHE A 289 -19.19 13.01 -14.97
CA PHE A 289 -17.90 12.37 -14.74
C PHE A 289 -18.06 10.86 -14.68
N LEU A 290 -16.96 10.18 -14.37
CA LEU A 290 -16.88 8.73 -14.39
C LEU A 290 -15.92 8.24 -13.31
N TRP A 291 -16.27 7.09 -12.74
CA TRP A 291 -15.37 6.30 -11.90
C TRP A 291 -14.89 5.10 -12.72
N LEU A 292 -13.58 4.91 -12.75
CA LEU A 292 -12.96 3.69 -13.27
C LEU A 292 -12.45 2.92 -12.07
N HIS A 293 -13.10 1.80 -11.76
CA HIS A 293 -12.82 1.06 -10.52
C HIS A 293 -11.72 0.05 -10.77
N ILE A 294 -10.67 0.10 -9.96
CA ILE A 294 -9.49 -0.72 -10.20
C ILE A 294 -9.67 -2.11 -9.60
N ASN A 295 -10.44 -2.22 -8.52
CA ASN A 295 -10.67 -3.54 -7.93
C ASN A 295 -11.42 -4.44 -8.91
N VAL A 296 -12.39 -3.88 -9.62
CA VAL A 296 -13.11 -4.66 -10.63
C VAL A 296 -12.18 -5.04 -11.77
N LEU A 297 -11.24 -4.14 -12.12
CA LEU A 297 -10.25 -4.46 -13.14
C LEU A 297 -9.35 -5.59 -12.70
N ARG A 298 -8.97 -5.62 -11.41
CA ARG A 298 -8.20 -6.75 -10.89
C ARG A 298 -9.01 -8.03 -10.95
N GLU A 299 -10.32 -7.95 -10.66
CA GLU A 299 -11.18 -9.11 -10.82
C GLU A 299 -11.19 -9.60 -12.25
N TYR A 300 -11.20 -8.67 -13.22
CA TYR A 300 -11.15 -9.04 -14.63
C TYR A 300 -9.81 -9.71 -14.98
N LEU A 301 -8.71 -9.11 -14.53
CA LEU A 301 -7.39 -9.63 -14.84
C LEU A 301 -7.13 -10.98 -14.18
N SER A 302 -7.82 -11.28 -13.08
CA SER A 302 -7.66 -12.58 -12.43
C SER A 302 -8.05 -13.71 -13.38
N ALA A 303 -9.06 -13.49 -14.21
CA ALA A 303 -9.42 -14.46 -15.25
C ALA A 303 -8.65 -14.22 -16.55
N GLU A 304 -8.26 -12.97 -16.83
CA GLU A 304 -7.58 -12.64 -18.07
C GLU A 304 -6.15 -13.17 -18.11
N LEU A 305 -5.41 -13.07 -17.01
CA LEU A 305 -3.99 -13.39 -16.98
C LEU A 305 -3.68 -14.80 -16.50
N TRP A 306 -4.70 -15.65 -16.31
CA TRP A 306 -4.46 -16.98 -15.79
C TRP A 306 -3.78 -17.86 -16.84
N VAL A 307 -2.63 -18.42 -16.47
CA VAL A 307 -1.92 -19.39 -17.31
C VAL A 307 -1.80 -20.70 -16.54
N PRO A 308 -2.39 -21.78 -17.03
CA PRO A 308 -2.33 -23.05 -16.28
C PRO A 308 -1.07 -23.84 -16.58
N GLY A 309 -0.61 -24.57 -15.56
CA GLY A 309 0.53 -25.43 -15.72
C GLY A 309 1.89 -24.77 -15.64
N LEU A 310 1.99 -23.66 -14.90
CA LEU A 310 3.28 -22.98 -14.77
C LEU A 310 4.23 -23.82 -13.94
N PRO A 311 5.53 -23.78 -14.26
CA PRO A 311 6.53 -24.44 -13.40
C PRO A 311 6.78 -23.69 -12.09
N PHE A 312 6.13 -22.56 -11.87
CA PHE A 312 6.23 -21.82 -10.62
C PHE A 312 4.83 -21.44 -10.17
N THR A 313 4.74 -20.94 -8.93
CA THR A 313 3.44 -20.56 -8.38
C THR A 313 2.91 -19.32 -9.09
N PHE A 314 1.64 -19.36 -9.48
CA PHE A 314 1.02 -18.24 -10.17
C PHE A 314 0.56 -17.21 -9.15
N ASP A 315 1.17 -16.04 -9.19
CA ASP A 315 0.81 -14.91 -8.33
C ASP A 315 0.09 -13.87 -9.16
N LEU A 316 -1.06 -13.40 -8.69
CA LEU A 316 -1.80 -12.40 -9.43
C LEU A 316 -1.10 -11.05 -9.42
N GLU A 317 -0.39 -10.73 -8.34
CA GLU A 317 0.37 -9.49 -8.30
C GLU A 317 1.47 -9.49 -9.36
N ARG A 318 2.19 -10.60 -9.49
CA ARG A 318 3.27 -10.68 -10.47
C ARG A 318 2.73 -10.68 -11.90
N ALA A 319 1.62 -11.37 -12.13
CA ALA A 319 0.99 -11.35 -13.45
C ALA A 319 0.50 -9.96 -13.81
N ILE A 320 -0.08 -9.25 -12.84
CA ILE A 320 -0.51 -7.87 -13.07
C ILE A 320 0.68 -6.98 -13.37
N ASP A 321 1.79 -7.21 -12.67
CA ASP A 321 3.01 -6.45 -12.95
C ASP A 321 3.51 -6.69 -14.37
N ASP A 322 3.48 -7.95 -14.82
CA ASP A 322 3.88 -8.25 -16.19
C ASP A 322 2.94 -7.58 -17.19
N TRP A 323 1.64 -7.58 -16.92
CA TRP A 323 0.69 -6.91 -17.80
C TRP A 323 0.97 -5.42 -17.87
N VAL A 324 1.26 -4.80 -16.73
CA VAL A 324 1.57 -3.36 -16.70
C VAL A 324 2.84 -3.08 -17.49
N PHE A 325 3.85 -3.93 -17.33
CA PHE A 325 5.09 -3.76 -18.09
C PHE A 325 4.83 -3.88 -19.59
N MET A 326 4.00 -4.85 -20.00
CA MET A 326 3.70 -4.99 -21.42
C MET A 326 2.92 -3.79 -21.94
N CYS A 327 2.02 -3.25 -21.13
CA CYS A 327 1.26 -2.06 -21.54
C CYS A 327 2.18 -0.86 -21.71
N PHE A 328 3.16 -0.70 -20.81
CA PHE A 328 4.10 0.40 -20.94
C PHE A 328 5.09 0.18 -22.08
N PHE A 329 5.42 -1.08 -22.38
CA PHE A 329 6.25 -1.37 -23.54
C PHE A 329 5.53 -1.02 -24.83
N CYS A 330 4.23 -1.33 -24.90
CA CYS A 330 3.46 -1.06 -26.11
C CYS A 330 3.35 0.43 -26.39
N GLY A 331 3.51 1.27 -25.37
CA GLY A 331 3.49 2.71 -25.57
C GLY A 331 3.75 3.51 -24.32
N ASN A 332 4.63 4.50 -24.42
CA ASN A 332 4.92 5.41 -23.32
C ASN A 332 5.47 6.71 -23.89
N ASP A 333 5.76 7.66 -23.01
CA ASP A 333 6.19 8.99 -23.40
C ASP A 333 7.71 9.12 -23.51
N PHE A 334 8.45 8.04 -23.33
CA PHE A 334 9.90 8.10 -23.25
C PHE A 334 10.63 7.37 -24.35
N LEU A 335 9.97 6.46 -25.07
CA LEU A 335 10.60 5.74 -26.17
C LEU A 335 9.63 5.69 -27.34
N PRO A 336 10.13 5.77 -28.57
CA PRO A 336 9.26 5.55 -29.73
C PRO A 336 8.75 4.12 -29.76
N HIS A 337 7.53 3.96 -30.23
CA HIS A 337 6.93 2.63 -30.30
C HIS A 337 7.54 1.83 -31.43
N LEU A 338 7.54 0.51 -31.27
CA LEU A 338 8.06 -0.37 -32.29
C LEU A 338 7.21 -0.28 -33.56
N PRO A 339 7.81 -0.50 -34.73
CA PRO A 339 7.02 -0.43 -35.97
C PRO A 339 5.86 -1.41 -36.01
N CYS A 340 6.01 -2.58 -35.41
CA CYS A 340 4.93 -3.57 -35.42
C CYS A 340 3.83 -3.23 -34.42
N LEU A 341 4.17 -2.57 -33.32
CA LEU A 341 3.18 -2.18 -32.30
C LEU A 341 2.74 -0.74 -32.59
N ASP A 342 1.80 -0.61 -33.53
CA ASP A 342 1.41 0.70 -34.03
C ASP A 342 0.76 1.54 -32.94
N VAL A 343 -0.21 0.97 -32.23
CA VAL A 343 -1.01 1.71 -31.27
C VAL A 343 -1.12 0.89 -29.99
N ARG A 344 -1.23 1.57 -28.86
CA ARG A 344 -1.53 0.91 -27.59
C ARG A 344 -3.01 0.50 -27.64
N GLU A 345 -3.56 0.11 -26.48
CA GLU A 345 -4.93 -0.39 -26.33
C GLU A 345 -5.22 -1.45 -27.40
N ASN A 346 -4.15 -2.03 -27.93
CA ASN A 346 -4.12 -3.00 -29.01
C ASN A 346 -2.66 -3.38 -29.15
N SER A 347 -2.42 -4.62 -29.57
CA SER A 347 -1.08 -5.21 -29.53
C SER A 347 -0.64 -5.39 -28.09
N ILE A 348 -1.43 -4.88 -27.14
CA ILE A 348 -1.39 -5.37 -25.76
C ILE A 348 -1.96 -6.77 -25.71
N ASP A 349 -3.00 -7.02 -26.49
CA ASP A 349 -3.51 -8.37 -26.68
C ASP A 349 -2.51 -9.26 -27.40
N ILE A 350 -1.76 -8.70 -28.36
CA ILE A 350 -0.71 -9.45 -29.04
C ILE A 350 0.36 -9.87 -28.04
N LEU A 351 0.85 -8.92 -27.24
CA LEU A 351 1.88 -9.25 -26.26
C LEU A 351 1.35 -10.18 -25.18
N LEU A 352 0.07 -10.06 -24.84
CA LEU A 352 -0.52 -10.99 -23.86
C LEU A 352 -0.57 -12.40 -24.42
N ASP A 353 -0.94 -12.56 -25.69
CA ASP A 353 -0.94 -13.87 -26.31
C ASP A 353 0.47 -14.46 -26.37
N ILE A 354 1.47 -13.62 -26.65
CA ILE A 354 2.85 -14.11 -26.66
C ILE A 354 3.30 -14.48 -25.26
N TRP A 355 2.92 -13.68 -24.26
CA TRP A 355 3.31 -13.92 -22.87
C TRP A 355 2.70 -15.22 -22.35
N LYS A 356 1.46 -15.51 -22.73
CA LYS A 356 0.79 -16.70 -22.22
C LYS A 356 1.45 -17.99 -22.71
N VAL A 357 2.23 -17.93 -23.79
CA VAL A 357 2.89 -19.13 -24.29
C VAL A 357 4.37 -19.10 -23.92
N VAL A 358 4.92 -17.90 -23.74
CA VAL A 358 6.31 -17.80 -23.32
C VAL A 358 6.48 -18.18 -21.85
N LEU A 359 5.54 -17.77 -21.00
CA LEU A 359 5.71 -17.96 -19.56
C LEU A 359 5.87 -19.41 -19.11
N PRO A 360 5.13 -20.40 -19.64
CA PRO A 360 5.37 -21.78 -19.21
C PRO A 360 6.76 -22.30 -19.52
N LYS A 361 7.47 -21.69 -20.46
CA LYS A 361 8.82 -22.09 -20.82
C LYS A 361 9.91 -21.36 -20.03
N LEU A 362 9.54 -20.42 -19.16
CA LEU A 362 10.51 -19.67 -18.39
C LEU A 362 10.55 -20.19 -16.96
N LYS A 363 11.48 -19.63 -16.18
CA LYS A 363 11.64 -19.99 -14.79
C LYS A 363 10.96 -19.03 -13.82
N THR A 364 10.67 -17.81 -14.26
CA THR A 364 10.01 -16.82 -13.41
C THR A 364 9.38 -15.76 -14.31
N TYR A 365 8.72 -14.79 -13.67
CA TYR A 365 8.07 -13.71 -14.39
C TYR A 365 9.11 -12.74 -14.96
N MET A 366 8.68 -12.00 -15.98
CA MET A 366 9.57 -11.06 -16.65
C MET A 366 9.94 -9.85 -15.81
N THR A 367 9.21 -9.59 -14.72
CA THR A 367 9.44 -8.42 -13.88
C THR A 367 9.44 -8.83 -12.42
N CYS A 368 10.18 -8.07 -11.60
CA CYS A 368 10.21 -8.31 -10.16
C CYS A 368 10.39 -6.96 -9.46
N ASP A 369 9.27 -6.37 -9.03
CA ASP A 369 9.27 -5.11 -8.28
C ASP A 369 10.02 -4.00 -9.02
N GLY A 370 9.79 -3.92 -10.33
CA GLY A 370 10.42 -2.88 -11.14
C GLY A 370 11.75 -3.24 -11.74
N VAL A 371 12.08 -4.53 -11.83
CA VAL A 371 13.33 -5.00 -12.42
C VAL A 371 13.00 -6.01 -13.50
N LEU A 372 13.63 -5.86 -14.66
CA LEU A 372 13.39 -6.74 -15.80
C LEU A 372 14.24 -8.00 -15.68
N ASN A 373 13.61 -9.14 -15.96
CA ASN A 373 14.34 -10.39 -16.19
C ASN A 373 14.68 -10.44 -17.67
N LEU A 374 15.92 -10.05 -18.00
CA LEU A 374 16.31 -9.90 -19.40
C LEU A 374 16.19 -11.18 -20.23
N PRO A 375 16.53 -12.38 -19.74
CA PRO A 375 16.28 -13.57 -20.57
C PRO A 375 14.82 -13.77 -20.93
N SER A 376 13.90 -13.55 -19.98
CA SER A 376 12.48 -13.67 -20.27
C SER A 376 12.02 -12.60 -21.26
N VAL A 377 12.51 -11.37 -21.10
CA VAL A 377 12.16 -10.30 -22.02
C VAL A 377 12.68 -10.62 -23.42
N GLU A 378 13.88 -11.20 -23.51
CA GLU A 378 14.42 -11.56 -24.82
C GLU A 378 13.62 -12.68 -25.46
N THR A 379 13.16 -13.65 -24.67
CA THR A 379 12.28 -14.69 -25.21
C THR A 379 10.98 -14.08 -25.74
N LEU A 380 10.38 -13.17 -24.96
CA LEU A 380 9.18 -12.48 -25.41
C LEU A 380 9.43 -11.74 -26.73
N LEU A 381 10.54 -11.02 -26.82
CA LEU A 381 10.81 -10.22 -27.99
C LEU A 381 11.21 -11.07 -29.20
N GLN A 382 11.83 -12.22 -28.96
CA GLN A 382 12.09 -13.15 -30.07
C GLN A 382 10.78 -13.70 -30.63
N HIS A 383 9.85 -14.07 -29.74
CA HIS A 383 8.54 -14.51 -30.22
C HIS A 383 7.79 -13.40 -30.93
N LEU A 384 7.95 -12.15 -30.48
CA LEU A 384 7.35 -11.02 -31.18
C LEU A 384 7.97 -10.84 -32.56
N GLY A 385 9.29 -10.96 -32.66
CA GLY A 385 9.95 -10.80 -33.94
C GLY A 385 9.64 -11.91 -34.92
N SER A 386 9.29 -13.10 -34.40
CA SER A 386 8.95 -14.20 -35.29
C SER A 386 7.72 -13.87 -36.13
N ARG A 387 6.73 -13.19 -35.53
CA ARG A 387 5.46 -12.91 -36.18
C ARG A 387 5.34 -11.45 -36.62
N GLU A 388 6.46 -10.72 -36.71
CA GLU A 388 6.39 -9.31 -37.07
C GLU A 388 6.04 -9.10 -38.53
N GLY A 389 6.70 -9.84 -39.42
CA GLY A 389 6.41 -9.69 -40.85
C GLY A 389 4.98 -10.05 -41.18
N ASP A 390 4.45 -11.06 -40.50
CA ASP A 390 3.05 -11.44 -40.70
C ASP A 390 2.11 -10.32 -40.30
N ILE A 391 2.39 -9.66 -39.16
CA ILE A 391 1.52 -8.57 -38.75
C ILE A 391 1.67 -7.38 -39.69
N PHE A 392 2.86 -7.17 -40.25
CA PHE A 392 3.03 -6.12 -41.25
C PHE A 392 2.18 -6.41 -42.49
N LYS A 393 2.22 -7.65 -42.97
CA LYS A 393 1.42 -8.03 -44.13
C LYS A 393 -0.07 -7.89 -43.86
N THR A 394 -0.52 -8.34 -42.68
CA THR A 394 -1.94 -8.22 -42.35
C THR A 394 -2.36 -6.75 -42.20
N ARG A 395 -1.48 -5.92 -41.64
CA ARG A 395 -1.78 -4.49 -41.55
C ARG A 395 -1.92 -3.87 -42.93
N HIS A 396 -1.03 -4.23 -43.85
CA HIS A 396 -1.17 -3.74 -45.22
C HIS A 396 -2.46 -4.23 -45.86
N ILE A 397 -2.82 -5.50 -45.65
CA ILE A 397 -4.02 -6.05 -46.26
C ILE A 397 -5.26 -5.32 -45.72
N GLN A 398 -5.32 -5.12 -44.41
CA GLN A 398 -6.48 -4.43 -43.85
C GLN A 398 -6.49 -2.95 -44.24
N GLU A 399 -5.33 -2.33 -44.43
CA GLU A 399 -5.29 -0.96 -44.93
C GLU A 399 -5.84 -0.89 -46.35
N ALA A 400 -5.49 -1.87 -47.20
CA ALA A 400 -6.04 -1.91 -48.54
C ALA A 400 -7.55 -2.13 -48.51
N ARG A 401 -8.03 -3.00 -47.62
CA ARG A 401 -9.47 -3.20 -47.49
C ARG A 401 -10.18 -1.93 -47.03
N LYS A 402 -9.56 -1.21 -46.08
CA LYS A 402 -10.15 0.04 -45.61
C LYS A 402 -10.18 1.09 -46.71
N LYS A 403 -9.12 1.16 -47.53
CA LYS A 403 -9.11 2.08 -48.65
C LYS A 403 -10.19 1.72 -49.66
N GLU A 404 -10.39 0.42 -49.92
CA GLU A 404 -11.47 0.00 -50.80
C GLU A 404 -12.82 0.37 -50.23
N ALA A 405 -13.01 0.22 -48.92
CA ALA A 405 -14.27 0.60 -48.30
C ALA A 405 -14.50 2.10 -48.39
N PHE A 406 -13.45 2.90 -48.19
CA PHE A 406 -13.57 4.35 -48.33
C PHE A 406 -13.92 4.74 -49.76
N GLU A 407 -13.30 4.07 -50.74
CA GLU A 407 -13.62 4.35 -52.14
C GLU A 407 -15.06 3.97 -52.46
N ARG A 408 -15.53 2.84 -51.92
CA ARG A 408 -16.91 2.43 -52.13
C ARG A 408 -17.88 3.43 -51.50
N ARG A 409 -17.57 3.92 -50.31
CA ARG A 409 -18.41 4.93 -49.67
C ARG A 409 -18.41 6.23 -50.47
N LYS A 410 -17.25 6.64 -50.97
CA LYS A 410 -17.14 7.85 -51.76
C LYS A 410 -17.69 7.64 -53.16
N PRO A 586 15.55 15.95 -46.16
CA PRO A 586 14.91 17.24 -46.36
C PRO A 586 15.08 18.18 -45.16
N LYS A 587 15.45 19.43 -45.42
CA LYS A 587 15.62 20.40 -44.33
C LYS A 587 14.30 20.66 -43.62
N ASN A 588 13.21 20.80 -44.38
CA ASN A 588 11.91 21.14 -43.82
C ASN A 588 10.85 20.31 -44.55
N GLY A 589 9.59 20.67 -44.34
CA GLY A 589 8.50 19.96 -44.97
C GLY A 589 8.24 18.62 -44.33
N VAL A 590 7.25 17.92 -44.87
CA VAL A 590 6.85 16.60 -44.38
C VAL A 590 7.26 15.57 -45.41
N PHE A 591 8.00 14.56 -44.98
CA PHE A 591 8.45 13.49 -45.84
C PHE A 591 8.22 12.15 -45.15
N ASP A 592 7.88 11.14 -45.94
CA ASP A 592 7.55 9.81 -45.43
C ASP A 592 8.70 8.87 -45.79
N THR A 593 9.43 8.42 -44.76
CA THR A 593 10.47 7.42 -44.99
C THR A 593 9.90 6.02 -45.14
N ASP A 594 8.65 5.80 -44.73
CA ASP A 594 8.09 4.45 -44.71
C ASP A 594 7.77 3.95 -46.11
N GLU A 595 7.45 4.84 -47.04
CA GLU A 595 7.02 4.41 -48.37
C GLU A 595 8.15 3.68 -49.10
N PHE A 596 9.39 4.12 -48.93
CA PHE A 596 10.51 3.42 -49.52
C PHE A 596 10.84 2.15 -48.75
N VAL A 597 10.50 2.10 -47.45
CA VAL A 597 10.83 0.94 -46.62
C VAL A 597 10.08 -0.30 -47.08
N LYS A 598 8.79 -0.15 -47.39
CA LYS A 598 7.96 -1.25 -47.86
C LYS A 598 7.95 -2.40 -46.84
N LEU A 599 7.40 -2.10 -45.67
CA LEU A 599 7.41 -3.08 -44.57
C LEU A 599 6.62 -4.32 -44.91
N PHE A 600 5.61 -4.22 -45.77
CA PHE A 600 4.84 -5.38 -46.20
C PHE A 600 5.54 -6.20 -47.26
N GLU A 601 6.67 -5.71 -47.81
CA GLU A 601 7.43 -6.40 -48.83
C GLU A 601 8.69 -7.02 -48.23
N PRO A 602 9.16 -8.15 -48.76
CA PRO A 602 10.33 -8.81 -48.19
C PRO A 602 11.58 -7.94 -48.29
N GLY A 603 12.48 -8.13 -47.33
CA GLY A 603 13.70 -7.34 -47.28
C GLY A 603 13.52 -5.95 -46.71
N TYR A 604 12.61 -5.77 -45.75
CA TYR A 604 12.31 -4.46 -45.21
C TYR A 604 13.30 -4.01 -44.14
N HIS A 605 14.13 -4.92 -43.62
CA HIS A 605 15.07 -4.55 -42.56
C HIS A 605 16.11 -3.54 -43.07
N GLU A 606 16.79 -3.89 -44.16
CA GLU A 606 17.80 -3.00 -44.72
C GLU A 606 17.21 -1.70 -45.22
N ARG A 607 16.05 -1.77 -45.89
CA ARG A 607 15.40 -0.55 -46.35
C ARG A 607 15.00 0.34 -45.19
N TYR A 608 14.45 -0.24 -44.13
CA TYR A 608 14.11 0.52 -42.92
C TYR A 608 15.33 1.25 -42.40
N TYR A 609 16.42 0.53 -42.18
CA TYR A 609 17.58 1.16 -41.56
C TYR A 609 18.22 2.22 -42.46
N THR A 610 18.39 1.92 -43.74
CA THR A 610 19.02 2.86 -44.65
C THR A 610 18.15 4.11 -44.84
N ALA A 611 16.83 3.94 -44.92
CA ALA A 611 15.96 5.08 -45.14
C ALA A 611 15.85 5.96 -43.90
N LYS A 612 15.68 5.35 -42.73
CA LYS A 612 15.41 6.12 -41.53
C LYS A 612 16.67 6.55 -40.78
N PHE A 613 17.85 6.04 -41.16
CA PHE A 613 19.07 6.40 -40.46
C PHE A 613 20.22 6.81 -41.39
N HIS A 614 20.09 6.64 -42.70
CA HIS A 614 21.08 7.11 -43.66
C HIS A 614 22.46 6.53 -43.37
N VAL A 615 22.52 5.20 -43.30
CA VAL A 615 23.74 4.47 -43.04
C VAL A 615 23.93 3.43 -44.15
N THR A 616 25.19 3.04 -44.33
CA THR A 616 25.50 1.97 -45.25
C THR A 616 25.14 0.62 -44.64
N PRO A 617 24.75 -0.36 -45.46
CA PRO A 617 24.40 -1.69 -44.91
C PRO A 617 25.50 -2.31 -44.08
N GLN A 618 26.76 -2.16 -44.47
CA GLN A 618 27.86 -2.70 -43.69
C GLN A 618 27.93 -2.12 -42.29
N ASP A 619 27.35 -0.94 -42.08
CA ASP A 619 27.33 -0.29 -40.78
C ASP A 619 26.00 -0.50 -40.05
N ILE A 620 25.11 -1.33 -40.58
CA ILE A 620 23.81 -1.51 -39.96
C ILE A 620 23.94 -2.23 -38.62
N GLU A 621 24.71 -3.33 -38.58
CA GLU A 621 24.73 -4.17 -37.39
C GLU A 621 25.24 -3.40 -36.17
N GLN A 622 26.30 -2.61 -36.34
CA GLN A 622 26.77 -1.79 -35.24
C GLN A 622 25.69 -0.84 -34.77
N LEU A 623 24.95 -0.24 -35.70
CA LEU A 623 23.76 0.53 -35.33
C LEU A 623 22.72 -0.37 -34.67
N ARG A 624 22.49 -1.56 -35.25
CA ARG A 624 21.45 -2.45 -34.75
C ARG A 624 21.70 -2.81 -33.29
N LYS A 625 22.94 -3.14 -32.95
CA LYS A 625 23.25 -3.50 -31.57
C LYS A 625 23.24 -2.28 -30.65
N ASP A 626 23.41 -1.07 -31.20
CA ASP A 626 23.38 0.11 -30.35
C ASP A 626 21.94 0.45 -29.98
N MET A 627 21.11 0.75 -30.98
CA MET A 627 19.72 1.13 -30.72
C MET A 627 19.03 0.14 -29.81
N VAL A 628 19.14 -1.15 -30.12
CA VAL A 628 18.50 -2.17 -29.32
C VAL A 628 18.90 -2.04 -27.86
N LYS A 629 20.21 -1.93 -27.59
CA LYS A 629 20.65 -1.75 -26.22
C LYS A 629 20.01 -0.50 -25.62
N CYS A 630 20.07 0.62 -26.34
CA CYS A 630 19.51 1.86 -25.81
C CYS A 630 18.01 1.74 -25.61
N TYR A 631 17.35 0.85 -26.35
CA TYR A 631 15.92 0.64 -26.14
C TYR A 631 15.68 -0.19 -24.90
N ILE A 632 16.52 -1.20 -24.65
CA ILE A 632 16.30 -2.05 -23.48
C ILE A 632 16.59 -1.27 -22.20
N GLU A 633 17.70 -0.54 -22.17
CA GLU A 633 17.93 0.40 -21.08
C GLU A 633 16.79 1.40 -20.99
N GLY A 634 16.07 1.62 -22.09
CA GLY A 634 14.87 2.43 -22.02
C GLY A 634 13.80 1.81 -21.15
N VAL A 635 13.41 0.57 -21.46
CA VAL A 635 12.28 -0.01 -20.74
C VAL A 635 12.67 -0.28 -19.30
N ALA A 636 13.89 -0.75 -19.06
CA ALA A 636 14.38 -0.89 -17.70
C ALA A 636 14.29 0.43 -16.95
N TRP A 637 14.55 1.54 -17.64
CA TRP A 637 14.34 2.85 -17.03
C TRP A 637 12.86 3.07 -16.73
N VAL A 638 12.00 2.89 -17.74
CA VAL A 638 10.61 3.29 -17.61
C VAL A 638 9.95 2.53 -16.47
N LEU A 639 10.12 1.21 -16.44
CA LEU A 639 9.57 0.40 -15.36
C LEU A 639 9.99 0.93 -14.00
N MET A 640 11.29 1.17 -13.83
CA MET A 640 11.75 1.68 -12.55
C MET A 640 11.10 3.03 -12.25
N TYR A 641 10.99 3.88 -13.28
CA TYR A 641 10.38 5.19 -13.12
C TYR A 641 8.98 5.07 -12.55
N TYR A 642 8.28 3.99 -12.87
CA TYR A 642 6.90 3.83 -12.42
C TYR A 642 6.77 2.87 -11.25
N TYR A 643 7.85 2.20 -10.84
CA TYR A 643 7.79 1.22 -9.76
C TYR A 643 8.66 1.54 -8.57
N GLN A 644 9.75 2.28 -8.73
CA GLN A 644 10.62 2.57 -7.61
C GLN A 644 11.06 4.02 -7.52
N GLY A 645 10.76 4.84 -8.52
CA GLY A 645 11.27 6.21 -8.58
C GLY A 645 12.13 6.41 -9.82
N CYS A 646 12.58 7.65 -9.97
CA CYS A 646 13.38 8.01 -11.14
C CYS A 646 14.74 7.33 -11.08
N ALA A 647 14.99 6.41 -12.01
CA ALA A 647 16.28 5.72 -12.07
C ALA A 647 17.40 6.70 -12.41
N SER A 648 17.18 7.58 -13.37
CA SER A 648 18.18 8.54 -13.81
C SER A 648 17.49 9.76 -14.37
N TRP A 649 17.88 10.94 -13.88
CA TRP A 649 17.33 12.19 -14.40
C TRP A 649 17.92 12.58 -15.74
N ASN A 650 19.09 12.03 -16.09
CA ASN A 650 19.81 12.45 -17.27
C ASN A 650 19.75 11.47 -18.42
N TRP A 651 19.26 10.25 -18.21
CA TRP A 651 19.20 9.28 -19.29
C TRP A 651 18.17 9.71 -20.32
N PHE A 652 18.49 9.44 -21.59
CA PHE A 652 17.53 9.65 -22.67
C PHE A 652 17.89 8.73 -23.83
N TYR A 653 16.90 8.51 -24.70
CA TYR A 653 17.08 7.68 -25.89
C TYR A 653 17.59 8.55 -27.03
N PRO A 654 18.79 8.31 -27.56
CA PRO A 654 19.39 9.27 -28.50
C PRO A 654 19.03 9.02 -29.96
N TYR A 655 17.93 8.32 -30.23
CA TYR A 655 17.48 8.08 -31.59
C TYR A 655 16.02 8.48 -31.73
N HIS A 656 15.63 8.81 -32.96
CA HIS A 656 14.25 9.17 -33.26
C HIS A 656 13.40 7.97 -33.64
N TYR A 657 13.99 6.79 -33.77
CA TYR A 657 13.27 5.61 -34.23
C TYR A 657 13.62 4.42 -33.35
N ALA A 658 12.73 3.47 -33.34
CA ALA A 658 12.87 2.23 -32.60
C ALA A 658 13.37 1.12 -33.53
N PRO A 659 14.10 0.15 -32.99
CA PRO A 659 14.51 -1.00 -33.81
C PRO A 659 13.32 -1.88 -34.16
N LEU A 660 13.52 -2.75 -35.12
CA LEU A 660 12.49 -3.71 -35.46
C LEU A 660 12.36 -4.76 -34.36
N ALA A 661 11.25 -5.49 -34.40
CA ALA A 661 11.04 -6.55 -33.41
C ALA A 661 12.09 -7.65 -33.57
N THR A 662 12.44 -8.00 -34.81
CA THR A 662 13.40 -9.05 -35.06
C THR A 662 14.79 -8.72 -34.56
N ASP A 663 15.08 -7.44 -34.33
CA ASP A 663 16.42 -7.01 -33.94
C ASP A 663 16.69 -7.15 -32.45
N PHE A 664 15.69 -7.50 -31.65
CA PHE A 664 15.84 -7.54 -30.20
C PHE A 664 16.35 -8.92 -29.80
N HIS A 665 17.67 -9.10 -29.90
CA HIS A 665 18.32 -10.31 -29.45
C HIS A 665 19.74 -9.96 -29.01
N GLY A 666 20.29 -10.81 -28.15
CA GLY A 666 21.66 -10.63 -27.69
C GLY A 666 21.84 -9.69 -26.52
N PHE A 667 20.78 -9.36 -25.80
CA PHE A 667 20.87 -8.44 -24.67
C PHE A 667 20.58 -9.10 -23.33
N SER A 668 20.51 -10.44 -23.28
CA SER A 668 20.22 -11.12 -22.03
C SER A 668 21.32 -10.88 -21.00
N HIS A 669 22.56 -10.72 -21.45
CA HIS A 669 23.70 -10.49 -20.57
C HIS A 669 23.86 -9.04 -20.17
N LEU A 670 23.02 -8.15 -20.69
CA LEU A 670 23.19 -6.72 -20.46
C LEU A 670 23.08 -6.40 -18.98
N GLU A 671 24.01 -5.58 -18.49
CA GLU A 671 24.06 -5.19 -17.10
C GLU A 671 23.63 -3.73 -17.03
N ILE A 672 22.36 -3.51 -16.64
CA ILE A 672 21.71 -2.22 -16.77
C ILE A 672 21.85 -1.46 -15.47
N LYS A 673 22.53 -0.31 -15.52
CA LYS A 673 22.69 0.56 -14.37
C LYS A 673 22.41 2.00 -14.78
N PHE A 674 21.98 2.79 -13.80
CA PHE A 674 21.64 4.19 -14.02
C PHE A 674 22.26 5.04 -12.94
N GLU A 675 22.77 6.21 -13.34
CA GLU A 675 23.24 7.23 -12.41
C GLU A 675 22.12 8.24 -12.25
N GLU A 676 21.61 8.38 -11.02
CA GLU A 676 20.38 9.16 -10.80
C GLU A 676 20.58 10.62 -11.18
N GLY A 677 21.68 11.22 -10.75
CA GLY A 677 21.88 12.62 -11.04
C GLY A 677 20.95 13.52 -10.25
N THR A 678 20.80 14.75 -10.74
CA THR A 678 19.95 15.77 -10.15
C THR A 678 19.10 16.39 -11.24
N PRO A 679 17.89 16.84 -10.90
CA PRO A 679 17.03 17.46 -11.91
C PRO A 679 17.58 18.79 -12.37
N PHE A 680 17.22 19.19 -13.59
CA PHE A 680 17.54 20.53 -14.05
C PHE A 680 16.76 21.57 -13.28
N LEU A 681 17.33 22.77 -13.24
CA LEU A 681 16.64 23.92 -12.69
C LEU A 681 15.53 24.33 -13.66
N PRO A 682 14.56 25.13 -13.21
CA PRO A 682 13.47 25.52 -14.11
C PRO A 682 13.95 26.22 -15.39
N TYR A 683 15.01 27.04 -15.32
CA TYR A 683 15.47 27.73 -16.51
C TYR A 683 16.14 26.78 -17.49
N GLU A 684 16.91 25.82 -16.98
CA GLU A 684 17.51 24.82 -17.85
C GLU A 684 16.44 23.95 -18.50
N GLN A 685 15.36 23.66 -17.76
CA GLN A 685 14.26 22.91 -18.34
C GLN A 685 13.52 23.72 -19.39
N LEU A 686 13.41 25.04 -19.18
CA LEU A 686 12.74 25.89 -20.15
C LEU A 686 13.56 26.01 -21.44
N MET A 687 14.88 26.21 -21.30
CA MET A 687 15.73 26.35 -22.48
C MET A 687 15.76 25.08 -23.31
N SER A 688 15.39 23.95 -22.71
CA SER A 688 15.48 22.65 -23.35
C SER A 688 14.13 22.12 -23.83
N VAL A 689 13.06 22.90 -23.73
CA VAL A 689 11.76 22.44 -24.18
C VAL A 689 11.06 23.49 -25.04
N LEU A 690 11.57 24.72 -25.04
CA LEU A 690 10.85 25.77 -25.74
C LEU A 690 11.58 26.19 -27.01
N PRO A 691 10.84 26.58 -28.05
CA PRO A 691 11.46 27.13 -29.24
C PRO A 691 11.73 28.62 -29.06
N ALA A 692 12.21 29.25 -30.14
CA ALA A 692 12.43 30.69 -30.11
C ALA A 692 11.11 31.46 -30.06
N ALA A 693 10.06 30.91 -30.65
CA ALA A 693 8.77 31.61 -30.69
C ALA A 693 8.16 31.75 -29.31
N SER A 694 8.52 30.88 -28.37
CA SER A 694 8.00 30.92 -27.01
C SER A 694 9.03 31.38 -26.00
N GLY A 695 10.04 32.15 -26.45
CA GLY A 695 11.09 32.60 -25.57
C GLY A 695 10.68 33.74 -24.64
N HIS A 696 9.50 34.33 -24.85
CA HIS A 696 9.05 35.40 -23.97
C HIS A 696 8.79 34.90 -22.55
N ALA A 697 8.58 33.59 -22.38
CA ALA A 697 8.42 33.04 -21.04
C ALA A 697 9.72 33.14 -20.25
N LEU A 698 10.85 32.97 -20.90
CA LEU A 698 12.15 33.09 -20.25
C LEU A 698 12.51 34.56 -20.07
N PRO A 699 13.41 34.86 -19.13
CA PRO A 699 13.89 36.24 -18.99
C PRO A 699 14.60 36.73 -20.25
N LYS A 700 14.81 38.04 -20.29
CA LYS A 700 15.39 38.67 -21.47
C LYS A 700 16.81 38.16 -21.76
N ILE A 701 17.54 37.76 -20.71
CA ILE A 701 18.91 37.32 -20.91
C ILE A 701 18.97 36.06 -21.74
N PHE A 702 18.11 35.08 -21.43
CA PHE A 702 18.21 33.77 -22.07
C PHE A 702 17.69 33.78 -23.50
N ARG A 703 16.77 34.69 -23.83
CA ARG A 703 16.16 34.66 -25.16
C ARG A 703 17.12 35.10 -26.25
N SER A 704 18.27 35.66 -25.90
CA SER A 704 19.29 35.96 -26.90
C SER A 704 20.03 34.71 -27.37
N LEU A 705 19.91 33.60 -26.66
CA LEU A 705 20.50 32.34 -27.06
C LEU A 705 19.57 31.49 -27.91
N MET A 706 18.34 31.94 -28.13
CA MET A 706 17.37 31.20 -28.93
C MET A 706 17.32 31.66 -30.38
N SER A 707 17.61 32.93 -30.64
CA SER A 707 17.42 33.52 -31.96
C SER A 707 18.65 34.18 -32.55
N GLU A 708 19.54 34.72 -31.73
CA GLU A 708 20.71 35.43 -32.25
C GLU A 708 21.63 34.45 -32.95
N PRO A 709 22.05 34.72 -34.19
CA PRO A 709 22.89 33.76 -34.92
C PRO A 709 24.26 33.54 -34.31
N ASP A 710 24.74 34.46 -33.47
CA ASP A 710 26.08 34.33 -32.88
C ASP A 710 26.08 33.56 -31.57
N SER A 711 24.91 33.14 -31.08
CA SER A 711 24.85 32.40 -29.83
C SER A 711 25.45 31.01 -29.99
N GLU A 712 26.09 30.52 -28.92
CA GLU A 712 26.82 29.27 -28.98
C GLU A 712 25.92 28.04 -29.04
N ILE A 713 24.62 28.18 -28.83
CA ILE A 713 23.71 27.04 -28.90
C ILE A 713 22.57 27.34 -29.87
N ILE A 714 22.85 28.17 -30.88
CA ILE A 714 21.84 28.53 -31.87
C ILE A 714 21.41 27.31 -32.67
N ASP A 715 22.29 26.31 -32.79
CA ASP A 715 21.96 25.11 -33.54
C ASP A 715 20.85 24.29 -32.88
N PHE A 716 20.56 24.56 -31.61
CA PHE A 716 19.52 23.81 -30.88
C PHE A 716 18.12 24.30 -31.17
N TYR A 717 17.96 25.48 -31.77
CA TYR A 717 16.66 26.12 -31.94
C TYR A 717 16.44 26.48 -33.40
N PRO A 718 16.15 25.50 -34.25
CA PRO A 718 15.81 25.81 -35.64
C PRO A 718 14.35 26.23 -35.76
N GLU A 719 14.12 27.28 -36.56
CA GLU A 719 12.74 27.69 -36.84
C GLU A 719 12.06 26.74 -37.80
N GLU A 720 12.83 25.96 -38.56
CA GLU A 720 12.30 24.97 -39.48
C GLU A 720 12.97 23.63 -39.21
N PHE A 721 12.16 22.57 -39.17
CA PHE A 721 12.65 21.23 -38.93
C PHE A 721 11.86 20.26 -39.78
N PRO A 722 12.47 19.13 -40.18
CA PRO A 722 11.73 18.13 -40.95
C PRO A 722 10.73 17.36 -40.09
N ILE A 723 9.70 16.84 -40.75
CA ILE A 723 8.69 16.01 -40.11
C ILE A 723 8.62 14.68 -40.85
N ASP A 724 8.73 13.59 -40.12
CA ASP A 724 8.60 12.25 -40.67
C ASP A 724 7.25 11.68 -40.24
N MET A 725 6.37 11.44 -41.21
CA MET A 725 5.07 10.88 -40.89
C MET A 725 5.19 9.43 -40.42
N ASN A 726 6.19 8.71 -40.92
CA ASN A 726 6.48 7.34 -40.47
C ASN A 726 5.27 6.42 -40.70
N GLY A 727 4.53 6.68 -41.77
CA GLY A 727 3.36 5.90 -42.09
C GLY A 727 2.06 6.39 -41.50
N LYS A 728 2.08 7.47 -40.73
CA LYS A 728 0.86 8.00 -40.13
C LYS A 728 0.12 8.87 -41.14
N LYS A 729 -1.18 8.62 -41.28
CA LYS A 729 -1.98 9.41 -42.22
C LYS A 729 -2.15 10.84 -41.75
N MET A 730 -2.54 11.04 -40.49
CA MET A 730 -2.75 12.38 -39.97
C MET A 730 -1.42 13.08 -39.73
N SER A 731 -1.49 14.41 -39.67
CA SER A 731 -0.29 15.23 -39.61
C SER A 731 0.15 15.58 -38.19
N TRP A 732 -0.75 15.52 -37.21
CA TRP A 732 -0.40 15.97 -35.88
C TRP A 732 0.48 14.98 -35.12
N GLN A 733 0.55 13.72 -35.57
CA GLN A 733 1.35 12.71 -34.88
C GLN A 733 2.62 12.36 -35.64
N GLY A 734 3.01 13.15 -36.63
CA GLY A 734 4.26 12.90 -37.32
C GLY A 734 5.47 13.18 -36.44
N ILE A 735 6.56 12.46 -36.72
CA ILE A 735 7.78 12.58 -35.93
C ILE A 735 8.54 13.80 -36.40
N ALA A 736 8.85 14.71 -35.47
CA ALA A 736 9.62 15.91 -35.77
C ALA A 736 11.08 15.66 -35.46
N LEU A 737 11.94 15.77 -36.47
CA LEU A 737 13.34 15.38 -36.36
C LEU A 737 14.18 16.51 -35.79
N LEU A 738 13.86 16.87 -34.55
CA LEU A 738 14.61 17.90 -33.85
C LEU A 738 15.97 17.37 -33.43
N PRO A 739 17.02 18.19 -33.51
CA PRO A 739 18.32 17.77 -32.98
C PRO A 739 18.28 17.60 -31.47
N PHE A 740 19.07 16.65 -30.97
CA PHE A 740 19.10 16.37 -29.55
C PHE A 740 20.00 17.37 -28.84
N ILE A 741 19.52 17.90 -27.72
CA ILE A 741 20.27 18.88 -26.96
C ILE A 741 21.51 18.23 -26.36
N ASP A 742 22.64 18.90 -26.49
CA ASP A 742 23.85 18.48 -25.77
C ASP A 742 23.78 19.04 -24.36
N GLN A 743 23.77 18.16 -23.37
CA GLN A 743 23.58 18.60 -21.99
C GLN A 743 24.72 19.50 -21.53
N ASP A 744 25.96 19.13 -21.84
CA ASP A 744 27.09 19.92 -21.38
C ASP A 744 27.07 21.32 -21.97
N ARG A 745 26.86 21.44 -23.29
CA ARG A 745 26.84 22.75 -23.93
C ARG A 745 25.69 23.61 -23.41
N LEU A 746 24.49 23.02 -23.30
CA LEU A 746 23.33 23.77 -22.81
C LEU A 746 23.54 24.24 -21.38
N LEU A 747 24.03 23.35 -20.52
CA LEU A 747 24.27 23.73 -19.13
C LEU A 747 25.32 24.83 -19.01
N THR A 748 26.41 24.71 -19.76
CA THR A 748 27.43 25.75 -19.72
C THR A 748 26.89 27.08 -20.19
N ALA A 749 26.15 27.08 -21.30
CA ALA A 749 25.61 28.33 -21.84
C ALA A 749 24.63 28.98 -20.88
N VAL A 750 23.74 28.20 -20.27
CA VAL A 750 22.73 28.80 -19.39
C VAL A 750 23.37 29.28 -18.08
N ARG A 751 24.26 28.49 -17.48
CA ARG A 751 24.94 28.93 -16.28
C ARG A 751 25.84 30.14 -16.53
N ALA A 752 26.28 30.34 -17.78
CA ALA A 752 26.94 31.60 -18.12
C ALA A 752 25.99 32.78 -17.95
N GLN A 753 24.70 32.60 -18.26
CA GLN A 753 23.73 33.69 -18.16
C GLN A 753 23.11 33.84 -16.79
N TYR A 754 23.24 32.85 -15.89
CA TYR A 754 22.75 33.05 -14.53
C TYR A 754 23.28 34.30 -13.83
N PRO A 755 24.57 34.63 -13.86
CA PRO A 755 25.05 35.77 -13.05
C PRO A 755 24.39 37.10 -13.41
N LEU A 756 23.82 37.23 -14.59
CA LEU A 756 23.15 38.45 -15.00
C LEU A 756 21.70 38.53 -14.53
N LEU A 757 21.14 37.46 -13.99
CA LEU A 757 19.75 37.46 -13.56
C LEU A 757 19.56 38.36 -12.33
N SER A 758 18.36 38.91 -12.22
CA SER A 758 18.00 39.72 -11.06
C SER A 758 17.66 38.81 -9.87
N ASP A 759 17.38 39.43 -8.73
CA ASP A 759 17.08 38.66 -7.52
C ASP A 759 15.79 37.87 -7.67
N ALA A 760 14.77 38.47 -8.30
CA ALA A 760 13.49 37.80 -8.43
C ALA A 760 13.60 36.53 -9.27
N GLU A 761 14.28 36.62 -10.41
CA GLU A 761 14.43 35.46 -11.27
C GLU A 761 15.29 34.39 -10.61
N ARG A 762 16.36 34.80 -9.94
CA ARG A 762 17.22 33.84 -9.25
C ARG A 762 16.46 33.12 -8.15
N ALA A 763 15.60 33.83 -7.43
CA ALA A 763 14.72 33.17 -6.46
C ALA A 763 13.74 32.22 -7.14
N ARG A 764 13.21 32.64 -8.29
CA ARG A 764 12.32 31.78 -9.07
C ARG A 764 13.01 30.51 -9.55
N ASN A 765 14.34 30.53 -9.61
CA ASN A 765 15.13 29.38 -10.09
C ASN A 765 15.64 28.52 -8.94
N ILE A 766 14.84 28.34 -7.90
CA ILE A 766 15.22 27.55 -6.73
C ILE A 766 14.23 26.39 -6.58
N ARG A 767 14.76 25.19 -6.36
CA ARG A 767 13.94 24.01 -6.14
C ARG A 767 13.21 24.10 -4.80
N GLY A 768 11.95 23.65 -4.78
CA GLY A 768 11.12 23.68 -3.60
C GLY A 768 10.68 22.31 -3.15
N GLU A 769 9.93 22.29 -2.05
CA GLU A 769 9.40 21.09 -1.44
C GLU A 769 7.90 21.26 -1.24
N PRO A 770 7.15 20.16 -1.14
CA PRO A 770 5.69 20.27 -0.94
C PRO A 770 5.37 20.96 0.38
N VAL A 771 4.09 21.32 0.53
CA VAL A 771 3.60 21.92 1.76
C VAL A 771 2.38 21.14 2.24
N LEU A 772 2.19 21.13 3.55
CA LEU A 772 1.04 20.51 4.20
C LEU A 772 0.24 21.59 4.91
N LEU A 773 -1.07 21.58 4.70
CA LEU A 773 -1.99 22.55 5.28
C LEU A 773 -3.08 21.78 6.02
N ILE A 774 -3.30 22.14 7.28
CA ILE A 774 -4.32 21.51 8.10
C ILE A 774 -5.12 22.58 8.84
N SER A 775 -6.29 22.17 9.32
CA SER A 775 -7.16 23.06 10.07
C SER A 775 -6.81 22.99 11.56
N ASN A 776 -7.32 23.97 12.32
CA ASN A 776 -7.00 24.00 13.75
C ASN A 776 -7.73 22.91 14.52
N LYS A 777 -8.67 22.20 13.90
CA LYS A 777 -9.38 21.12 14.54
C LYS A 777 -8.81 19.75 14.16
N ASN A 778 -7.68 19.71 13.49
CA ASN A 778 -7.06 18.45 13.11
C ASN A 778 -6.52 17.74 14.35
N ALA A 779 -6.37 16.42 14.23
CA ALA A 779 -5.84 15.63 15.34
C ALA A 779 -4.40 16.02 15.66
N ASN A 780 -3.59 16.29 14.65
CA ASN A 780 -2.19 16.61 14.82
C ASN A 780 -1.91 18.10 14.94
N TYR A 781 -2.94 18.94 15.06
CA TYR A 781 -2.71 20.37 15.05
C TYR A 781 -1.87 20.80 16.25
N GLU A 782 -2.25 20.36 17.44
CA GLU A 782 -1.56 20.80 18.65
C GLU A 782 -0.12 20.31 18.68
N ARG A 783 0.10 19.03 18.34
CA ARG A 783 1.45 18.49 18.31
C ARG A 783 2.33 19.23 17.31
N PHE A 784 1.83 19.42 16.09
CA PHE A 784 2.61 20.08 15.04
C PHE A 784 2.93 21.52 15.42
N SER A 785 1.93 22.27 15.92
CA SER A 785 2.16 23.67 16.26
C SER A 785 3.11 23.80 17.43
N LYS A 786 2.96 22.93 18.44
CA LYS A 786 3.84 22.97 19.60
C LYS A 786 5.27 22.61 19.23
N LYS A 787 5.47 21.59 18.39
CA LYS A 787 6.80 21.13 18.05
C LYS A 787 7.46 21.95 16.97
N LEU A 788 6.71 22.75 16.21
CA LEU A 788 7.25 23.48 15.08
C LEU A 788 7.26 24.99 15.25
N TYR A 789 6.32 25.52 16.05
CA TYR A 789 6.20 27.00 16.20
C TYR A 789 6.42 27.41 17.66
N SER A 790 7.36 26.74 18.34
CA SER A 790 7.70 27.08 19.71
C SER A 790 8.95 27.95 19.73
N LYS A 791 9.51 28.17 20.92
CA LYS A 791 10.71 28.98 21.05
C LYS A 791 11.91 28.27 20.44
N GLU A 792 12.11 27.00 20.81
CA GLU A 792 13.28 26.26 20.31
C GLU A 792 13.12 25.91 18.83
N ASN A 793 11.90 25.55 18.41
CA ASN A 793 11.66 25.18 17.02
C ASN A 793 11.72 26.37 16.08
N ASN A 794 11.79 27.59 16.60
CA ASN A 794 11.84 28.79 15.78
C ASN A 794 13.12 28.89 14.97
N ASN A 795 14.15 28.09 15.28
CA ASN A 795 15.38 28.07 14.51
C ASN A 795 15.21 27.38 13.16
N ASN A 796 14.03 26.82 12.89
CA ASN A 796 13.76 26.11 11.64
C ASN A 796 14.69 24.93 11.43
N ASN A 797 15.04 24.24 12.53
CA ASN A 797 15.96 23.11 12.47
C ASN A 797 15.32 21.78 12.81
N VAL A 798 14.22 21.76 13.53
CA VAL A 798 13.59 20.52 13.97
C VAL A 798 12.52 20.11 12.99
N VAL A 799 12.38 18.79 12.80
CA VAL A 799 11.31 18.21 12.01
C VAL A 799 10.60 17.21 12.91
N VAL A 800 9.36 16.89 12.56
CA VAL A 800 8.63 15.83 13.25
C VAL A 800 8.14 14.82 12.22
N LYS A 801 8.43 13.55 12.48
CA LYS A 801 8.01 12.45 11.63
C LYS A 801 6.83 11.78 12.29
N PHE A 802 5.70 11.72 11.56
CA PHE A 802 4.47 11.18 12.10
C PHE A 802 3.99 10.04 11.22
N GLN A 803 3.19 9.16 11.80
CA GLN A 803 2.80 7.92 11.16
C GLN A 803 1.28 7.85 11.00
N HIS A 804 0.82 6.75 10.42
CA HIS A 804 -0.48 6.72 9.77
C HIS A 804 -1.65 6.62 10.75
N PHE A 805 -1.47 6.02 11.92
CA PHE A 805 -2.62 5.64 12.73
C PHE A 805 -3.39 6.85 13.24
N LYS A 806 -2.69 7.90 13.66
CA LYS A 806 -3.35 9.01 14.35
C LYS A 806 -4.30 9.76 13.44
N SER A 807 -3.85 10.16 12.25
CA SER A 807 -4.62 11.06 11.41
C SER A 807 -4.71 10.60 9.96
N GLY A 808 -4.32 9.37 9.66
CA GLY A 808 -4.43 8.87 8.30
C GLY A 808 -3.38 9.39 7.34
N LEU A 809 -2.24 9.85 7.83
CA LEU A 809 -1.17 10.31 6.96
C LEU A 809 0.15 10.18 7.72
N SER A 810 1.20 9.83 6.99
CA SER A 810 2.53 9.71 7.53
C SER A 810 3.50 10.53 6.69
N GLY A 811 4.56 11.01 7.32
CA GLY A 811 5.54 11.81 6.62
C GLY A 811 6.41 12.55 7.62
N ILE A 812 7.08 13.58 7.12
CA ILE A 812 7.92 14.45 7.93
C ILE A 812 7.51 15.89 7.64
N VAL A 813 7.27 16.67 8.68
CA VAL A 813 6.88 18.06 8.52
C VAL A 813 7.81 18.95 9.32
N SER A 814 8.10 20.11 8.75
CA SER A 814 8.99 21.10 9.36
C SER A 814 8.35 22.48 9.24
N LYS A 815 9.00 23.46 9.84
CA LYS A 815 8.54 24.84 9.79
C LYS A 815 8.41 25.31 8.35
N ASP A 816 7.33 26.03 8.07
CA ASP A 816 7.06 26.48 6.70
C ASP A 816 8.11 27.48 6.25
N VAL A 817 8.46 27.41 4.96
CA VAL A 817 9.45 28.31 4.38
C VAL A 817 8.83 29.47 3.63
N GLU A 818 7.51 29.45 3.41
CA GLU A 818 6.81 30.54 2.73
C GLU A 818 6.43 31.67 3.67
N GLY A 819 7.04 31.74 4.84
CA GLY A 819 6.76 32.82 5.77
C GLY A 819 5.48 32.71 6.55
N PHE A 820 4.91 31.50 6.65
CA PHE A 820 3.73 31.32 7.48
C PHE A 820 4.06 31.56 8.94
N GLU A 821 3.17 32.27 9.63
CA GLU A 821 3.31 32.50 11.06
C GLU A 821 1.94 32.43 11.71
N LEU A 822 1.92 32.00 12.96
CA LEU A 822 0.68 32.00 13.72
C LEU A 822 0.25 33.44 14.02
N ASN A 823 -1.06 33.64 14.16
CA ASN A 823 -1.63 34.96 14.37
C ASN A 823 -1.29 35.91 13.22
N GLY A 824 -1.26 35.37 12.00
CA GLY A 824 -1.01 36.13 10.82
C GLY A 824 -2.25 36.29 9.96
N LYS A 825 -2.02 36.71 8.70
CA LYS A 825 -3.11 36.98 7.78
C LYS A 825 -2.79 36.39 6.41
N ILE A 826 -3.82 35.85 5.77
CA ILE A 826 -3.71 35.31 4.41
C ILE A 826 -4.54 36.19 3.49
N VAL A 827 -3.90 36.69 2.43
CA VAL A 827 -4.54 37.59 1.48
C VAL A 827 -4.66 36.91 0.13
N CYS A 828 -5.79 37.11 -0.53
CA CYS A 828 -6.02 36.48 -1.82
C CYS A 828 -5.14 37.12 -2.88
N PRO A 829 -4.50 36.33 -3.74
CA PRO A 829 -3.66 36.90 -4.81
C PRO A 829 -4.38 37.18 -6.12
N ILE A 830 -5.70 37.03 -6.17
CA ILE A 830 -6.48 37.27 -7.37
C ILE A 830 -7.21 38.60 -7.22
N GLN A 831 -7.03 39.48 -8.19
CA GLN A 831 -7.67 40.80 -8.17
C GLN A 831 -9.07 40.69 -8.78
N GLY A 832 -9.93 39.95 -8.08
CA GLY A 832 -11.29 39.75 -8.52
C GLY A 832 -12.02 38.69 -7.72
N GLY A 833 -13.35 38.69 -7.81
CA GLY A 833 -14.16 37.72 -7.11
C GLY A 833 -14.50 38.08 -5.68
N SER A 834 -13.93 39.17 -5.15
CA SER A 834 -14.18 39.60 -3.77
C SER A 834 -13.90 38.49 -2.77
N LEU A 835 -12.82 37.75 -3.00
CA LEU A 835 -12.45 36.66 -2.12
C LEU A 835 -11.86 37.20 -0.83
N PRO A 836 -12.37 36.81 0.34
CA PRO A 836 -11.98 37.47 1.58
C PRO A 836 -10.57 37.11 2.02
N ASN A 837 -9.98 38.02 2.80
CA ASN A 837 -8.73 37.71 3.48
C ASN A 837 -9.00 36.75 4.63
N LEU A 838 -7.97 36.00 5.00
CA LEU A 838 -8.10 34.94 5.98
C LEU A 838 -7.25 35.25 7.22
N SER A 839 -7.35 34.36 8.20
CA SER A 839 -6.55 34.42 9.41
C SER A 839 -5.82 33.10 9.60
N THR A 840 -4.53 33.17 9.91
CA THR A 840 -3.75 31.95 10.13
C THR A 840 -4.03 31.31 11.48
N THR A 841 -4.94 31.87 12.28
CA THR A 841 -5.32 31.24 13.53
C THR A 841 -6.19 30.01 13.30
N LEU A 842 -6.78 29.87 12.12
CA LEU A 842 -7.58 28.71 11.77
C LEU A 842 -6.85 27.73 10.87
N ILE A 843 -5.55 27.95 10.62
CA ILE A 843 -4.78 27.21 9.64
C ILE A 843 -3.42 26.90 10.24
N LEU A 844 -2.85 25.75 9.89
CA LEU A 844 -1.45 25.45 10.11
C LEU A 844 -0.82 25.04 8.79
N LYS A 845 0.32 25.65 8.46
CA LYS A 845 1.05 25.39 7.23
C LYS A 845 2.47 24.97 7.56
N MET A 846 2.93 23.90 6.92
CA MET A 846 4.23 23.32 7.21
C MET A 846 4.87 22.86 5.91
N SER A 847 6.18 22.68 5.95
CA SER A 847 6.93 22.10 4.84
C SER A 847 6.88 20.58 4.96
N TYR A 848 6.44 19.91 3.90
CA TYR A 848 6.14 18.49 3.94
C TYR A 848 7.14 17.69 3.11
N ARG A 849 7.47 16.49 3.58
CA ARG A 849 8.29 15.57 2.80
C ARG A 849 7.92 14.14 3.18
N LEU A 850 8.25 13.22 2.28
CA LEU A 850 7.91 11.81 2.46
C LEU A 850 8.99 11.11 3.27
N ILE A 851 8.56 10.10 4.02
CA ILE A 851 9.51 9.24 4.75
C ILE A 851 10.21 8.35 3.73
N PRO A 852 11.54 8.36 3.68
CA PRO A 852 12.24 7.53 2.69
C PRO A 852 11.93 6.06 2.87
N LEU A 853 11.81 5.36 1.76
CA LEU A 853 11.47 3.94 1.81
C LEU A 853 12.58 3.17 2.50
N PRO A 854 12.28 2.43 3.58
CA PRO A 854 13.34 1.67 4.25
C PRO A 854 13.98 0.62 3.36
N SER A 855 13.22 0.09 2.41
CA SER A 855 13.70 -0.94 1.50
C SER A 855 12.88 -0.88 0.22
N ARG A 856 13.26 -1.71 -0.75
CA ARG A 856 12.55 -1.75 -2.02
C ARG A 856 11.08 -2.08 -1.82
N ASN A 857 10.21 -1.34 -2.50
CA ASN A 857 8.78 -1.57 -2.40
C ASN A 857 8.42 -2.89 -3.06
N LYS A 858 7.67 -3.72 -2.34
CA LYS A 858 7.27 -5.03 -2.83
C LYS A 858 5.87 -4.96 -3.42
N SER A 859 5.69 -5.60 -4.57
CA SER A 859 4.40 -5.63 -5.26
C SER A 859 3.55 -6.76 -4.68
N ILE A 860 3.10 -6.54 -3.45
CA ILE A 860 2.33 -7.53 -2.70
C ILE A 860 1.10 -6.86 -2.10
N ILE A 861 0.18 -7.70 -1.66
CA ILE A 861 -0.99 -7.26 -0.90
C ILE A 861 -0.63 -7.25 0.57
N LEU A 862 -0.90 -6.12 1.24
CA LEU A 862 -0.50 -5.94 2.62
C LEU A 862 -1.34 -6.80 3.56
N ASN A 863 -0.86 -6.97 4.79
CA ASN A 863 -1.55 -7.77 5.77
C ASN A 863 -2.78 -7.03 6.29
N GLY A 864 -3.89 -7.75 6.39
CA GLY A 864 -5.12 -7.17 6.89
C GLY A 864 -6.04 -6.60 5.85
N PHE A 865 -5.83 -6.91 4.58
CA PHE A 865 -6.62 -6.32 3.50
C PHE A 865 -7.91 -7.10 3.33
N ILE A 866 -9.04 -6.44 3.57
CA ILE A 866 -10.36 -7.03 3.37
C ILE A 866 -10.88 -6.55 2.01
N PRO A 867 -11.14 -7.45 1.07
CA PRO A 867 -11.62 -7.02 -0.25
C PRO A 867 -13.04 -6.47 -0.19
N SER A 868 -13.35 -5.62 -1.17
CA SER A 868 -14.71 -5.11 -1.31
C SER A 868 -15.65 -6.23 -1.77
N GLU A 869 -16.91 -5.89 -1.92
CA GLU A 869 -17.87 -6.84 -2.44
C GLU A 869 -17.58 -7.13 -3.90
N PRO A 870 -17.36 -8.38 -4.30
CA PRO A 870 -17.08 -8.67 -5.71
C PRO A 870 -18.23 -8.26 -6.61
N VAL A 871 -17.88 -7.75 -7.79
CA VAL A 871 -18.85 -7.24 -8.74
C VAL A 871 -19.12 -8.24 -9.86
N LEU A 872 -18.08 -8.90 -10.35
CA LEU A 872 -18.24 -9.82 -11.47
C LEU A 872 -18.83 -11.14 -11.01
N THR A 873 -19.84 -11.61 -11.73
CA THR A 873 -20.42 -12.91 -11.49
C THR A 873 -19.60 -13.97 -12.23
N ALA A 874 -20.09 -15.21 -12.25
CA ALA A 874 -19.36 -16.28 -12.92
C ALA A 874 -19.37 -16.10 -14.43
N TYR A 875 -20.42 -15.51 -14.99
CA TYR A 875 -20.51 -15.37 -16.43
C TYR A 875 -19.42 -14.46 -16.97
N ASP A 876 -19.19 -13.32 -16.32
CA ASP A 876 -18.16 -12.39 -16.79
C ASP A 876 -16.77 -13.01 -16.70
N LEU A 877 -16.48 -13.70 -15.58
CA LEU A 877 -15.18 -14.36 -15.45
C LEU A 877 -15.01 -15.46 -16.47
N ASP A 878 -16.08 -16.21 -16.76
CA ASP A 878 -15.99 -17.25 -17.79
C ASP A 878 -15.75 -16.64 -19.17
N SER A 879 -16.42 -15.52 -19.47
CA SER A 879 -16.23 -14.88 -20.76
C SER A 879 -14.82 -14.33 -20.92
N ILE A 880 -14.28 -13.74 -19.85
CA ILE A 880 -12.91 -13.23 -19.91
C ILE A 880 -11.91 -14.38 -20.00
N MET A 881 -12.17 -15.48 -19.29
CA MET A 881 -11.25 -16.60 -19.28
C MET A 881 -11.25 -17.32 -20.63
N TYR A 882 -12.40 -17.81 -21.06
CA TYR A 882 -12.52 -18.63 -22.25
C TYR A 882 -12.76 -17.82 -23.51
N LYS A 883 -12.53 -16.51 -23.47
CA LYS A 883 -12.65 -15.63 -24.63
C LYS A 883 -14.05 -15.69 -25.25
N TYR A 884 -15.07 -15.90 -24.44
CA TYR A 884 -16.44 -15.88 -24.94
C TYR A 884 -16.81 -14.47 -25.39
N ASN A 885 -17.48 -14.37 -26.53
CA ASN A 885 -17.91 -13.09 -27.07
C ASN A 885 -19.41 -13.14 -27.35
N ASN A 886 -20.12 -12.12 -26.88
CA ASN A 886 -21.56 -12.03 -27.07
C ASN A 886 -21.90 -11.63 -28.50
N TRP A 893 -22.86 2.99 -28.62
CA TRP A 893 -24.02 3.86 -28.47
C TRP A 893 -24.87 3.44 -27.28
N ASN A 894 -25.11 2.14 -27.18
CA ASN A 894 -25.92 1.60 -26.08
C ASN A 894 -25.17 1.54 -24.76
N PHE A 895 -23.85 1.78 -24.77
CA PHE A 895 -23.09 1.67 -23.53
C PHE A 895 -23.34 2.86 -22.61
N GLY A 896 -23.70 4.02 -23.17
CA GLY A 896 -23.94 5.18 -22.34
C GLY A 896 -25.05 4.97 -21.33
N ASN A 897 -26.15 4.35 -21.77
CA ASN A 897 -27.23 4.01 -20.85
C ASN A 897 -26.89 2.81 -19.98
N ASP A 898 -26.06 1.89 -20.50
CA ASP A 898 -25.70 0.70 -19.73
C ASP A 898 -24.78 1.04 -18.56
N LEU A 899 -24.00 2.11 -18.68
CA LEU A 899 -23.09 2.48 -17.60
C LEU A 899 -23.85 3.03 -16.39
N LYS A 900 -25.00 3.68 -16.61
CA LYS A 900 -25.73 4.29 -15.51
C LYS A 900 -26.23 3.24 -14.52
N GLN A 901 -26.68 2.09 -15.01
CA GLN A 901 -27.15 1.03 -14.14
C GLN A 901 -26.02 0.37 -13.36
N ASN A 902 -24.76 0.64 -13.71
CA ASN A 902 -23.63 0.02 -13.03
C ASN A 902 -23.33 0.75 -11.73
N ILE A 903 -23.33 0.02 -10.62
CA ILE A 903 -22.96 0.54 -9.31
C ILE A 903 -21.99 -0.44 -8.67
N VAL A 904 -20.88 0.07 -8.14
CA VAL A 904 -19.82 -0.75 -7.59
C VAL A 904 -19.69 -0.42 -6.11
N PRO A 905 -19.84 -1.39 -5.21
CA PRO A 905 -19.59 -1.14 -3.78
C PRO A 905 -18.15 -0.74 -3.55
N VAL A 906 -17.94 0.17 -2.61
CA VAL A 906 -16.64 0.76 -2.32
C VAL A 906 -16.31 0.53 -0.86
N GLY A 907 -15.10 0.02 -0.59
CA GLY A 907 -14.64 -0.17 0.75
C GLY A 907 -14.68 -1.62 1.19
N PRO A 908 -14.05 -1.93 2.33
CA PRO A 908 -14.02 -3.30 2.82
C PRO A 908 -15.41 -3.84 3.11
N LYS A 909 -15.58 -5.13 2.84
CA LYS A 909 -16.84 -5.84 3.08
C LYS A 909 -16.55 -6.95 4.09
N GLY A 910 -16.86 -6.70 5.34
CA GLY A 910 -16.62 -7.65 6.41
C GLY A 910 -15.52 -7.16 7.35
N ILE A 911 -15.07 -8.09 8.19
CA ILE A 911 -14.07 -7.81 9.22
C ILE A 911 -12.85 -8.67 8.97
N THR A 912 -13.03 -9.81 8.30
CA THR A 912 -11.97 -10.78 8.13
C THR A 912 -11.39 -10.70 6.72
N GLN A 913 -10.08 -10.91 6.64
CA GLN A 913 -9.36 -10.93 5.38
C GLN A 913 -9.42 -12.27 4.66
N TYR A 914 -9.94 -13.31 5.30
CA TYR A 914 -10.00 -14.64 4.72
C TYR A 914 -11.44 -14.97 4.36
N LYS A 915 -11.65 -15.38 3.12
CA LYS A 915 -12.99 -15.75 2.69
C LYS A 915 -13.33 -17.16 3.19
N PRO A 916 -14.61 -17.45 3.36
CA PRO A 916 -15.01 -18.80 3.80
C PRO A 916 -14.57 -19.85 2.79
N ARG A 917 -14.14 -20.99 3.32
CA ARG A 917 -13.60 -22.07 2.49
C ARG A 917 -13.83 -23.39 3.22
N THR A 918 -14.23 -24.40 2.46
CA THR A 918 -14.66 -25.67 3.04
C THR A 918 -13.57 -26.24 3.95
N GLY A 919 -13.98 -26.68 5.13
CA GLY A 919 -13.06 -27.19 6.12
C GLY A 919 -12.86 -26.30 7.34
N GLY A 920 -13.64 -25.23 7.47
CA GLY A 920 -13.51 -24.35 8.61
C GLY A 920 -14.79 -24.28 9.42
N TYR A 921 -14.68 -23.85 10.68
CA TYR A 921 -15.84 -23.78 11.56
C TYR A 921 -16.87 -22.79 11.05
N ARG A 922 -16.48 -21.51 10.99
CA ARG A 922 -17.36 -20.49 10.44
C ARG A 922 -17.73 -20.78 9.00
N ALA A 923 -16.79 -21.33 8.22
CA ALA A 923 -17.12 -21.74 6.86
C ALA A 923 -18.17 -22.84 6.85
N PHE A 924 -18.07 -23.79 7.79
CA PHE A 924 -19.07 -24.85 7.86
C PHE A 924 -20.46 -24.28 8.13
N PHE A 925 -20.56 -23.36 9.09
CA PHE A 925 -21.86 -22.79 9.40
C PHE A 925 -22.38 -21.90 8.27
N TYR A 926 -21.48 -21.13 7.65
CA TYR A 926 -21.87 -20.27 6.53
C TYR A 926 -22.39 -21.10 5.37
N PHE A 927 -21.72 -22.20 5.03
CA PHE A 927 -22.16 -23.03 3.92
C PHE A 927 -23.42 -23.81 4.26
N ALA A 928 -23.59 -24.21 5.53
CA ALA A 928 -24.85 -24.83 5.92
C ALA A 928 -26.01 -23.85 5.76
N GLU A 929 -25.84 -22.61 6.22
CA GLU A 929 -26.89 -21.60 6.03
C GLU A 929 -27.11 -21.30 4.56
N LEU A 930 -26.04 -21.28 3.77
CA LEU A 930 -26.18 -21.03 2.34
C LEU A 930 -26.99 -22.12 1.66
N SER A 931 -26.72 -23.38 2.01
CA SER A 931 -27.50 -24.49 1.43
C SER A 931 -28.94 -24.46 1.91
N ARG A 932 -29.16 -24.06 3.17
CA ARG A 932 -30.52 -23.93 3.68
C ARG A 932 -31.28 -22.84 2.93
N ASN A 933 -30.63 -21.71 2.67
CA ASN A 933 -31.28 -20.61 1.95
C ASN A 933 -31.53 -20.97 0.49
N ASN A 934 -30.58 -21.67 -0.14
CA ASN A 934 -30.78 -22.08 -1.53
C ASN A 934 -31.96 -23.02 -1.67
N VAL A 935 -32.12 -23.96 -0.74
CA VAL A 935 -33.25 -24.88 -0.76
C VAL A 935 -34.46 -24.21 -0.13
N GLY B 2 3.31 -28.69 58.58
CA GLY B 2 2.89 -28.31 57.25
C GLY B 2 1.39 -28.25 57.09
N VAL B 3 0.94 -27.39 56.18
CA VAL B 3 -0.48 -27.22 55.93
C VAL B 3 -0.90 -28.15 54.80
N SER B 4 -2.10 -28.70 54.91
CA SER B 4 -2.68 -29.57 53.89
C SER B 4 -4.12 -29.16 53.65
N ALA B 5 -4.49 -29.02 52.39
CA ALA B 5 -5.83 -28.57 52.03
C ALA B 5 -6.30 -29.30 50.78
N ASN B 6 -7.61 -29.48 50.68
CA ASN B 6 -8.26 -30.10 49.53
C ASN B 6 -9.39 -29.20 49.07
N LEU B 7 -9.53 -29.03 47.76
CA LEU B 7 -10.61 -28.23 47.21
C LEU B 7 -11.33 -28.98 46.11
N PHE B 8 -12.66 -28.88 46.11
CA PHE B 8 -13.51 -29.56 45.15
C PHE B 8 -13.67 -28.71 43.90
N VAL B 9 -13.29 -29.27 42.75
CA VAL B 9 -13.28 -28.48 41.52
C VAL B 9 -14.69 -28.16 41.02
N LYS B 10 -15.72 -28.76 41.63
CA LYS B 10 -17.09 -28.44 41.25
C LYS B 10 -17.64 -27.22 41.99
N GLN B 11 -16.90 -26.68 42.96
CA GLN B 11 -17.34 -25.47 43.63
C GLN B 11 -17.20 -24.27 42.71
N ARG B 12 -18.13 -23.32 42.83
CA ARG B 12 -18.11 -22.10 42.02
C ARG B 12 -18.09 -20.88 42.93
N GLY B 13 -17.33 -19.87 42.52
CA GLY B 13 -17.25 -18.62 43.24
C GLY B 13 -18.28 -17.62 42.75
N SER B 14 -17.93 -16.33 42.86
CA SER B 14 -18.82 -15.26 42.44
C SER B 14 -18.18 -14.27 41.48
N THR B 15 -16.87 -14.31 41.29
CA THR B 15 -16.22 -13.35 40.40
C THR B 15 -16.62 -13.60 38.95
N THR B 16 -16.85 -12.51 38.22
CA THR B 16 -17.27 -12.57 36.84
C THR B 16 -16.38 -11.79 35.89
N ALA B 17 -15.50 -10.94 36.40
CA ALA B 17 -14.68 -10.07 35.56
C ALA B 17 -13.25 -10.10 36.05
N LEU B 18 -12.34 -9.78 35.13
CA LEU B 18 -10.91 -9.75 35.40
C LEU B 18 -10.40 -8.32 35.25
N LYS B 19 -9.38 -7.98 36.02
CA LYS B 19 -8.74 -6.69 35.85
C LYS B 19 -8.12 -6.61 34.46
N GLN B 20 -8.14 -5.41 33.88
CA GLN B 20 -7.64 -5.24 32.53
C GLN B 20 -6.16 -5.57 32.50
N PRO B 21 -5.73 -6.55 31.70
CA PRO B 21 -4.30 -6.89 31.66
C PRO B 21 -3.47 -5.74 31.12
N LYS B 22 -2.31 -5.54 31.73
CA LYS B 22 -1.39 -4.50 31.32
C LYS B 22 0.00 -5.10 31.18
N GLU B 23 0.64 -4.87 30.03
CA GLU B 23 1.98 -5.38 29.83
C GLU B 23 2.96 -4.62 30.72
N ILE B 24 3.78 -5.36 31.46
CA ILE B 24 4.82 -4.76 32.29
C ILE B 24 6.21 -5.06 31.77
N GLY B 25 6.34 -5.91 30.78
CA GLY B 25 7.65 -6.24 30.23
C GLY B 25 7.55 -7.35 29.23
N PHE B 26 8.72 -7.77 28.74
CA PHE B 26 8.82 -8.87 27.80
C PHE B 26 10.26 -9.35 27.77
N TYR B 27 10.45 -10.57 27.31
CA TYR B 27 11.79 -11.12 27.14
C TYR B 27 11.76 -12.17 26.06
N SER B 28 12.94 -12.47 25.53
CA SER B 28 13.12 -13.44 24.46
C SER B 28 14.06 -14.54 24.92
N ARG B 29 13.65 -15.78 24.76
CA ARG B 29 14.46 -16.93 25.15
C ARG B 29 15.14 -17.50 23.92
N THR B 30 16.46 -17.64 23.98
CA THR B 30 17.21 -18.11 22.83
C THR B 30 17.20 -19.64 22.76
N LYS B 31 17.71 -20.16 21.64
CA LYS B 31 17.69 -21.60 21.41
C LYS B 31 18.62 -22.36 22.34
N ASP B 32 19.52 -21.67 23.04
CA ASP B 32 20.45 -22.29 23.97
C ASP B 32 20.17 -21.88 25.41
N GLU B 33 18.89 -21.66 25.74
CA GLU B 33 18.44 -21.37 27.10
C GLU B 33 19.13 -20.13 27.67
N GLU B 34 18.91 -19.01 27.01
CA GLU B 34 19.40 -17.73 27.47
C GLU B 34 18.26 -16.72 27.38
N TYR B 35 18.16 -15.86 28.37
CA TYR B 35 17.05 -14.92 28.49
C TYR B 35 17.56 -13.52 28.18
N LEU B 36 16.97 -12.90 27.18
CA LEU B 36 17.29 -11.53 26.77
C LEU B 36 16.12 -10.67 27.22
N ILE B 37 16.34 -9.87 28.25
CA ILE B 37 15.27 -9.11 28.88
C ILE B 37 15.01 -7.84 28.09
N SER B 38 13.74 -7.52 27.90
CA SER B 38 13.32 -6.37 27.10
C SER B 38 13.90 -6.44 25.69
N ASP B 39 13.81 -7.61 25.08
CA ASP B 39 14.38 -7.88 23.77
C ASP B 39 13.38 -8.68 22.95
N ASP B 40 13.15 -8.27 21.72
CA ASP B 40 12.12 -8.86 20.87
C ASP B 40 12.72 -9.52 19.64
N THR B 41 13.89 -10.14 19.80
CA THR B 41 14.51 -10.82 18.68
C THR B 41 13.68 -12.01 18.20
N ASN B 42 12.90 -12.62 19.10
CA ASN B 42 12.07 -13.77 18.75
C ASN B 42 10.61 -13.40 18.58
N LEU B 43 10.30 -12.11 18.46
CA LEU B 43 8.95 -11.68 18.16
C LEU B 43 8.71 -11.74 16.65
N ASN B 44 7.66 -12.43 16.25
CA ASN B 44 7.32 -12.61 14.84
C ASN B 44 6.21 -11.66 14.44
N TYR B 45 6.07 -11.49 13.12
CA TYR B 45 5.07 -10.60 12.55
C TYR B 45 4.20 -11.41 11.59
N TYR B 46 2.90 -11.27 11.73
CA TYR B 46 1.98 -12.08 10.93
C TYR B 46 1.99 -11.60 9.49
N TYR B 47 2.10 -12.54 8.56
CA TYR B 47 1.86 -12.25 7.15
C TYR B 47 1.46 -13.56 6.48
N LEU B 48 0.20 -13.67 6.09
CA LEU B 48 -0.30 -14.83 5.36
C LEU B 48 -1.48 -14.39 4.52
N PRO B 49 -1.23 -14.04 3.26
CA PRO B 49 -2.33 -13.57 2.41
C PRO B 49 -3.35 -14.67 2.16
N ASP B 50 -4.59 -14.25 1.91
CA ASP B 50 -5.65 -15.20 1.62
C ASP B 50 -5.33 -16.02 0.37
N ALA B 51 -4.70 -15.40 -0.62
CA ALA B 51 -4.34 -16.09 -1.86
C ALA B 51 -3.39 -17.25 -1.62
N GLU B 52 -2.70 -17.27 -0.47
CA GLU B 52 -1.80 -18.37 -0.15
C GLU B 52 -2.52 -19.60 0.38
N LEU B 53 -3.79 -19.48 0.78
CA LEU B 53 -4.49 -20.66 1.27
C LEU B 53 -4.83 -21.63 0.16
N ASP B 54 -4.73 -21.21 -1.09
CA ASP B 54 -4.99 -22.05 -2.24
C ASP B 54 -3.73 -22.68 -2.83
N ARG B 55 -2.58 -22.48 -2.20
CA ARG B 55 -1.32 -23.05 -2.67
C ARG B 55 -1.06 -24.45 -2.16
N LYS B 56 -1.98 -25.03 -1.38
CA LYS B 56 -1.86 -26.39 -0.87
C LYS B 56 -0.57 -26.57 -0.07
N LEU B 57 -0.40 -25.71 0.93
CA LEU B 57 0.79 -25.76 1.76
C LEU B 57 0.81 -27.02 2.61
N ASP B 58 1.92 -27.73 2.59
CA ASP B 58 2.06 -28.97 3.33
C ASP B 58 2.67 -28.65 4.69
N LEU B 59 1.97 -29.04 5.76
CA LEU B 59 2.42 -28.79 7.11
C LEU B 59 3.34 -29.89 7.64
N SER B 60 3.50 -30.98 6.89
CA SER B 60 4.41 -32.06 7.27
C SER B 60 5.82 -31.86 6.74
N SER B 61 6.04 -30.87 5.89
CA SER B 61 7.35 -30.68 5.29
C SER B 61 8.34 -30.16 6.31
N GLY B 62 9.57 -30.65 6.23
CA GLY B 62 10.61 -30.25 7.15
C GLY B 62 10.55 -30.90 8.51
N PHE B 63 9.76 -31.96 8.67
CA PHE B 63 9.63 -32.61 9.97
C PHE B 63 10.95 -33.26 10.39
N GLN B 64 11.69 -33.81 9.44
CA GLN B 64 12.91 -34.53 9.78
C GLN B 64 14.01 -33.59 10.25
N LYS B 65 14.07 -32.38 9.69
CA LYS B 65 15.06 -31.39 10.10
C LYS B 65 14.53 -30.45 11.17
N PHE B 66 13.36 -30.74 11.73
CA PHE B 66 12.81 -29.95 12.82
C PHE B 66 13.71 -30.04 14.05
N LYS B 67 14.09 -28.89 14.60
CA LYS B 67 15.05 -28.82 15.69
C LYS B 67 14.33 -28.41 16.97
N ASP B 68 14.06 -29.39 17.82
CA ASP B 68 13.38 -29.17 19.09
C ASP B 68 14.45 -28.84 20.13
N TYR B 69 14.76 -27.56 20.28
CA TYR B 69 15.68 -27.13 21.32
C TYR B 69 15.04 -27.20 22.70
N TYR B 70 13.71 -27.12 22.78
CA TYR B 70 13.03 -27.09 24.07
C TYR B 70 13.22 -28.39 24.84
N LYS B 71 13.12 -29.53 24.15
CA LYS B 71 13.25 -30.80 24.84
C LYS B 71 14.65 -31.04 25.39
N ASP B 72 15.64 -30.31 24.89
CA ASP B 72 17.02 -30.41 25.39
C ASP B 72 17.34 -29.40 26.47
N PHE B 73 16.38 -28.56 26.85
CA PHE B 73 16.64 -27.54 27.86
C PHE B 73 16.84 -28.19 29.22
N GLU B 74 17.77 -27.63 30.00
CA GLU B 74 18.03 -28.14 31.34
C GLU B 74 16.87 -27.82 32.28
N ASP B 75 16.31 -26.62 32.17
CA ASP B 75 15.14 -26.20 32.94
C ASP B 75 14.09 -25.73 31.94
N ARG B 76 13.21 -26.66 31.54
CA ARG B 76 12.22 -26.34 30.52
C ARG B 76 11.13 -25.41 31.04
N CYS B 77 10.86 -25.45 32.35
CA CYS B 77 9.83 -24.63 32.97
C CYS B 77 10.43 -23.61 33.94
N SER B 78 11.57 -23.04 33.58
CA SER B 78 12.25 -22.11 34.46
C SER B 78 11.45 -20.81 34.60
N LEU B 79 11.49 -20.24 35.80
CA LEU B 79 10.94 -18.92 36.09
C LEU B 79 11.99 -17.83 36.03
N ARG B 80 13.22 -18.15 35.59
CA ARG B 80 14.33 -17.22 35.69
C ARG B 80 14.12 -15.98 34.82
N GLY B 81 13.66 -16.17 33.59
CA GLY B 81 13.43 -15.04 32.72
C GLY B 81 12.30 -14.16 33.20
N LEU B 82 11.21 -14.79 33.67
CA LEU B 82 10.09 -14.04 34.21
C LEU B 82 10.53 -13.20 35.40
N LEU B 83 11.32 -13.78 36.30
CA LEU B 83 11.77 -13.05 37.48
C LEU B 83 12.75 -11.95 37.11
N GLU B 84 13.59 -12.18 36.09
CA GLU B 84 14.49 -11.12 35.63
C GLU B 84 13.70 -9.95 35.02
N THR B 85 12.65 -10.25 34.25
CA THR B 85 11.79 -9.19 33.73
C THR B 85 11.09 -8.43 34.85
N ILE B 86 10.55 -9.16 35.83
CA ILE B 86 9.94 -8.53 36.99
C ILE B 86 10.95 -7.63 37.68
N GLU B 87 12.19 -8.10 37.84
CA GLU B 87 13.21 -7.34 38.56
C GLU B 87 13.63 -6.11 37.78
N SER B 88 13.69 -6.19 36.46
CA SER B 88 13.97 -5.00 35.67
C SER B 88 12.88 -3.95 35.86
N SER B 89 11.62 -4.40 35.89
CA SER B 89 10.53 -3.47 36.21
C SER B 89 10.67 -2.90 37.62
N GLU B 90 11.05 -3.73 38.58
CA GLU B 90 11.28 -3.26 39.94
C GLU B 90 12.30 -2.14 39.96
N ARG B 91 13.45 -2.37 39.33
CA ARG B 91 14.51 -1.37 39.31
C ARG B 91 14.10 -0.11 38.57
N HIS B 92 13.26 -0.25 37.55
CA HIS B 92 12.73 0.94 36.88
C HIS B 92 11.86 1.75 37.83
N LYS B 93 11.05 1.08 38.64
CA LYS B 93 10.17 1.76 39.58
C LYS B 93 10.79 1.96 40.96
N GLY B 94 11.70 1.08 41.38
CA GLY B 94 12.30 1.18 42.69
C GLY B 94 11.47 0.64 43.82
N LYS B 95 10.31 0.05 43.53
CA LYS B 95 9.39 -0.44 44.55
C LYS B 95 8.92 -1.83 44.18
N LYS B 96 8.64 -2.64 45.20
CA LYS B 96 8.13 -3.98 44.97
C LYS B 96 6.82 -3.94 44.20
N ILE B 97 6.70 -4.79 43.18
CA ILE B 97 5.51 -4.75 42.35
C ILE B 97 4.31 -5.27 43.15
N ASN B 98 3.13 -4.76 42.82
CA ASN B 98 1.92 -5.05 43.57
C ASN B 98 1.25 -6.25 42.93
N ALA B 99 1.58 -7.44 43.42
CA ALA B 99 0.96 -8.67 42.96
C ALA B 99 0.97 -9.68 44.10
N ASP B 100 0.11 -10.68 43.99
CA ASP B 100 -0.01 -11.72 45.00
C ASP B 100 0.45 -13.09 44.51
N ILE B 101 0.21 -13.39 43.23
CA ILE B 101 0.64 -14.64 42.62
C ILE B 101 1.42 -14.30 41.36
N ILE B 102 2.63 -14.86 41.23
CA ILE B 102 3.47 -14.67 40.06
C ILE B 102 3.77 -16.04 39.47
N THR B 103 3.29 -16.29 38.27
CA THR B 103 3.42 -17.59 37.64
C THR B 103 3.36 -17.42 36.12
N PHE B 104 3.16 -18.52 35.41
CA PHE B 104 3.04 -18.50 33.96
C PHE B 104 1.56 -18.59 33.56
N ARG B 105 1.30 -18.17 32.32
CA ARG B 105 -0.07 -18.22 31.81
C ARG B 105 -0.57 -19.65 31.68
N GLY B 106 0.30 -20.56 31.25
CA GLY B 106 -0.10 -21.95 31.07
C GLY B 106 -0.44 -22.63 32.39
N ILE B 107 0.28 -22.28 33.46
CA ILE B 107 -0.02 -22.83 34.78
C ILE B 107 -1.42 -22.43 35.22
N ALA B 108 -1.75 -21.13 35.07
CA ALA B 108 -3.09 -20.67 35.42
C ALA B 108 -4.15 -21.32 34.54
N ARG B 109 -3.86 -21.47 33.24
CA ARG B 109 -4.83 -22.08 32.35
C ARG B 109 -5.10 -23.54 32.75
N LYS B 110 -4.05 -24.27 33.12
CA LYS B 110 -4.25 -25.65 33.57
C LYS B 110 -5.02 -25.69 34.88
N LEU B 111 -4.72 -24.78 35.81
CA LEU B 111 -5.44 -24.72 37.06
C LEU B 111 -6.92 -24.47 36.83
N ILE B 112 -7.26 -23.56 35.90
CA ILE B 112 -8.66 -23.28 35.61
C ILE B 112 -9.32 -24.46 34.91
N SER B 113 -8.63 -25.07 33.95
CA SER B 113 -9.19 -26.20 33.21
C SER B 113 -9.31 -27.45 34.07
N CYS B 114 -8.72 -27.46 35.26
CA CYS B 114 -8.95 -28.56 36.19
C CYS B 114 -10.44 -28.78 36.46
N ALA B 115 -11.25 -27.71 36.38
CA ALA B 115 -12.68 -27.81 36.64
C ALA B 115 -13.47 -28.35 35.45
N PHE B 116 -12.85 -28.55 34.30
CA PHE B 116 -13.55 -29.03 33.12
C PHE B 116 -12.89 -30.24 32.46
N ASP B 117 -11.70 -30.64 32.89
CA ASP B 117 -10.98 -31.75 32.28
C ASP B 117 -10.56 -32.75 33.36
N SER B 118 -10.49 -34.02 32.97
CA SER B 118 -10.06 -35.06 33.87
C SER B 118 -8.55 -34.95 34.13
N PRO B 119 -8.08 -35.46 35.27
CA PRO B 119 -6.63 -35.43 35.54
C PRO B 119 -5.81 -36.18 34.50
N SER B 120 -6.39 -37.20 33.86
CA SER B 120 -5.68 -37.91 32.80
C SER B 120 -5.48 -37.05 31.57
N PHE B 121 -6.24 -35.97 31.41
CA PHE B 121 -6.09 -35.04 30.30
C PHE B 121 -5.35 -33.77 30.70
N ASN B 122 -5.73 -33.16 31.82
CA ASN B 122 -5.08 -31.96 32.34
C ASN B 122 -4.21 -32.38 33.52
N THR B 123 -2.97 -32.74 33.23
CA THR B 123 -2.03 -33.13 34.27
C THR B 123 -1.47 -31.89 34.95
N VAL B 124 -1.71 -31.77 36.25
CA VAL B 124 -1.29 -30.61 37.02
C VAL B 124 -0.40 -31.10 38.16
N ASP B 125 0.80 -30.55 38.24
CA ASP B 125 1.74 -30.84 39.32
C ASP B 125 2.68 -29.64 39.49
N LEU B 126 2.41 -28.84 40.51
CA LEU B 126 2.99 -27.52 40.64
C LEU B 126 3.71 -27.39 41.98
N ARG B 127 4.74 -26.56 42.02
CA ARG B 127 5.41 -26.18 43.25
C ARG B 127 5.15 -24.70 43.48
N ILE B 128 4.62 -24.38 44.66
CA ILE B 128 4.28 -23.01 45.04
C ILE B 128 5.19 -22.61 46.19
N VAL B 129 5.87 -21.47 46.04
CA VAL B 129 6.80 -20.99 47.05
C VAL B 129 6.35 -19.62 47.52
N SER B 130 6.32 -19.43 48.83
CA SER B 130 5.92 -18.17 49.45
C SER B 130 7.17 -17.37 49.77
N PHE B 131 7.38 -16.27 49.05
CA PHE B 131 8.56 -15.44 49.25
C PHE B 131 8.14 -13.98 49.18
N ASN B 132 8.58 -13.19 50.17
CA ASN B 132 8.34 -11.75 50.20
C ASN B 132 6.86 -11.43 50.11
N GLY B 133 6.02 -12.26 50.69
CA GLY B 133 4.59 -12.04 50.64
C GLY B 133 3.95 -12.32 49.30
N GLN B 134 4.56 -13.16 48.47
CA GLN B 134 4.03 -13.47 47.16
C GLN B 134 4.17 -14.96 46.88
N LEU B 135 3.29 -15.47 46.03
CA LEU B 135 3.25 -16.87 45.65
C LEU B 135 3.86 -17.03 44.26
N PHE B 136 4.89 -17.86 44.15
CA PHE B 136 5.50 -18.19 42.87
C PHE B 136 5.22 -19.65 42.55
N ILE B 137 4.57 -19.91 41.42
CA ILE B 137 4.11 -21.23 41.05
C ILE B 137 4.88 -21.68 39.81
N LYS B 138 5.43 -22.89 39.86
CA LYS B 138 6.21 -23.44 38.76
C LYS B 138 5.82 -24.91 38.54
N GLU B 139 5.54 -25.28 37.29
CA GLU B 139 5.15 -26.64 36.99
C GLU B 139 6.38 -27.50 36.75
N VAL B 140 6.46 -28.62 37.46
CA VAL B 140 7.55 -29.57 37.19
C VAL B 140 7.28 -30.27 35.86
N PRO B 141 8.27 -30.39 34.98
CA PRO B 141 8.02 -30.97 33.66
C PRO B 141 7.64 -32.44 33.75
N GLU B 142 7.22 -32.98 32.61
CA GLU B 142 6.85 -34.39 32.55
C GLU B 142 8.03 -35.28 32.91
N ALA B 143 9.25 -34.86 32.57
CA ALA B 143 10.49 -35.53 32.95
C ALA B 143 10.61 -36.95 32.42
N VAL B 144 9.71 -37.36 31.52
CA VAL B 144 9.80 -38.70 30.94
C VAL B 144 11.07 -38.83 30.10
N ASN B 145 11.35 -37.82 29.28
CA ASN B 145 12.52 -37.82 28.40
C ASN B 145 12.52 -39.03 27.47
N ASN B 158 3.47 -42.53 18.95
CA ASN B 158 3.05 -42.69 17.57
C ASN B 158 3.63 -41.57 16.70
N ILE B 159 3.89 -41.88 15.43
CA ILE B 159 4.37 -40.87 14.49
C ILE B 159 3.31 -39.79 14.29
N ASN B 160 2.02 -40.18 14.31
CA ASN B 160 0.96 -39.22 14.08
C ASN B 160 0.93 -38.14 15.14
N GLN B 161 1.16 -38.51 16.41
CA GLN B 161 1.15 -37.52 17.48
C GLN B 161 2.29 -36.51 17.33
N ASP B 162 3.48 -37.01 16.99
CA ASP B 162 4.62 -36.11 16.75
C ASP B 162 4.35 -35.19 15.58
N LEU B 163 3.76 -35.72 14.50
CA LEU B 163 3.40 -34.87 13.37
C LEU B 163 2.36 -33.83 13.75
N ASN B 164 1.38 -34.21 14.57
CA ASN B 164 0.36 -33.26 14.99
C ASN B 164 0.97 -32.13 15.81
N VAL B 165 1.90 -32.47 16.70
CA VAL B 165 2.59 -31.43 17.47
C VAL B 165 3.45 -30.57 16.55
N PHE B 166 4.06 -31.17 15.53
CA PHE B 166 4.93 -30.42 14.64
C PHE B 166 4.14 -29.47 13.75
N THR B 167 2.90 -29.84 13.39
CA THR B 167 2.15 -29.04 12.44
C THR B 167 1.82 -27.67 12.97
N GLY B 168 1.66 -27.51 14.28
CA GLY B 168 1.44 -26.18 14.84
C GLY B 168 2.63 -25.27 14.64
N TYR B 169 3.83 -25.77 14.93
CA TYR B 169 5.04 -25.00 14.69
C TYR B 169 5.24 -24.74 13.20
N LYS B 170 4.91 -25.71 12.34
CA LYS B 170 5.03 -25.50 10.90
C LYS B 170 4.08 -24.41 10.44
N PHE B 171 2.85 -24.39 10.94
CA PHE B 171 1.91 -23.34 10.59
C PHE B 171 2.39 -21.99 11.07
N GLU B 172 2.95 -21.93 12.28
CA GLU B 172 3.48 -20.67 12.77
C GLU B 172 4.70 -20.21 11.96
N THR B 173 5.42 -21.16 11.37
CA THR B 173 6.55 -20.80 10.50
C THR B 173 6.08 -20.31 9.14
N LEU B 174 5.03 -20.91 8.60
CA LEU B 174 4.53 -20.56 7.27
C LEU B 174 3.63 -19.34 7.28
N ALA B 175 3.25 -18.83 8.44
CA ALA B 175 2.30 -17.73 8.53
C ALA B 175 2.88 -16.49 9.20
N THR B 176 4.17 -16.54 9.55
CA THR B 176 4.79 -15.39 10.24
C THR B 176 6.14 -15.05 9.65
N LEU B 177 6.56 -13.81 9.84
CA LEU B 177 7.86 -13.33 9.41
C LEU B 177 8.67 -12.92 10.62
N SER B 178 9.98 -13.06 10.52
CA SER B 178 10.85 -12.68 11.62
C SER B 178 10.99 -11.17 11.76
N ASN B 179 10.63 -10.42 10.73
CA ASN B 179 10.75 -8.97 10.68
C ASN B 179 9.49 -8.42 10.03
N PRO B 180 9.19 -7.13 10.23
CA PRO B 180 7.96 -6.57 9.66
C PRO B 180 7.95 -6.71 8.15
N LEU B 181 6.74 -6.86 7.60
CA LEU B 181 6.59 -7.06 6.16
C LEU B 181 7.21 -5.92 5.37
N GLN B 182 7.17 -4.70 5.92
CA GLN B 182 7.77 -3.55 5.26
C GLN B 182 9.29 -3.60 5.29
N TYR B 183 9.88 -4.46 6.12
CA TYR B 183 11.33 -4.59 6.24
C TYR B 183 11.84 -5.93 5.73
N THR B 184 10.99 -6.73 5.10
CA THR B 184 11.37 -8.06 4.67
C THR B 184 11.61 -8.08 3.17
N PRO B 185 12.76 -8.54 2.69
CA PRO B 185 12.95 -8.71 1.24
C PRO B 185 12.06 -9.81 0.70
N ARG B 186 11.83 -9.75 -0.61
CA ARG B 186 10.94 -10.72 -1.25
C ARG B 186 11.53 -12.13 -1.18
N GLU B 187 12.85 -12.27 -1.25
CA GLU B 187 13.45 -13.59 -1.26
C GLU B 187 13.23 -14.33 0.06
N VAL B 188 13.20 -13.60 1.18
CA VAL B 188 12.89 -14.24 2.46
C VAL B 188 11.48 -14.82 2.44
N ILE B 189 10.51 -14.06 1.94
CA ILE B 189 9.14 -14.55 1.87
C ILE B 189 9.05 -15.75 0.93
N GLU B 190 9.80 -15.73 -0.16
CA GLU B 190 9.74 -16.83 -1.11
C GLU B 190 10.35 -18.10 -0.54
N LYS B 191 11.45 -17.99 0.20
CA LYS B 191 12.10 -19.15 0.79
C LYS B 191 11.52 -19.53 2.14
N ARG B 192 10.52 -18.80 2.62
CA ARG B 192 9.85 -19.13 3.87
C ARG B 192 9.29 -20.56 3.88
N THR B 193 8.86 -21.07 2.72
CA THR B 193 8.26 -22.40 2.68
C THR B 193 9.26 -23.52 2.90
N LYS B 194 10.56 -23.22 2.85
CA LYS B 194 11.60 -24.21 3.11
C LYS B 194 12.38 -23.88 4.38
N ARG B 195 11.90 -22.95 5.19
CA ARG B 195 12.60 -22.59 6.41
C ARG B 195 12.54 -23.73 7.43
N ILE B 196 13.56 -23.80 8.27
CA ILE B 196 13.65 -24.84 9.28
C ILE B 196 12.78 -24.45 10.46
N VAL B 197 11.91 -25.38 10.87
CA VAL B 197 11.04 -25.17 12.02
C VAL B 197 11.81 -25.49 13.29
N SER B 198 11.82 -24.55 14.23
CA SER B 198 12.53 -24.73 15.48
C SER B 198 11.58 -24.47 16.65
N HIS B 199 11.74 -25.25 17.71
CA HIS B 199 10.98 -25.10 18.94
C HIS B 199 11.96 -24.83 20.08
N GLY B 200 11.68 -23.80 20.86
CA GLY B 200 12.54 -23.47 21.98
C GLY B 200 12.88 -22.00 22.07
N ASP B 201 13.07 -21.35 20.93
CA ASP B 201 13.31 -19.91 20.89
C ASP B 201 11.96 -19.21 20.80
N GLU B 202 11.58 -18.50 21.87
CA GLU B 202 10.24 -17.95 22.01
C GLU B 202 10.32 -16.51 22.49
N TYR B 203 9.22 -15.79 22.33
CA TYR B 203 9.05 -14.45 22.86
C TYR B 203 7.91 -14.48 23.88
N ILE B 204 8.18 -13.96 25.08
CA ILE B 204 7.25 -14.05 26.20
C ILE B 204 6.98 -12.63 26.70
N SER B 205 5.71 -12.31 26.87
CA SER B 205 5.28 -11.02 27.41
C SER B 205 4.73 -11.22 28.82
N VAL B 206 5.11 -10.34 29.73
CA VAL B 206 4.71 -10.40 31.12
C VAL B 206 3.56 -9.43 31.34
N VAL B 207 2.46 -9.93 31.89
CA VAL B 207 1.19 -9.22 31.93
C VAL B 207 0.69 -9.20 33.37
N ARG B 208 0.34 -8.01 33.86
CA ARG B 208 -0.25 -7.83 35.18
C ARG B 208 -1.76 -7.80 35.04
N THR B 209 -2.44 -8.70 35.73
CA THR B 209 -3.89 -8.83 35.65
C THR B 209 -4.40 -9.17 37.05
N GLY B 210 -5.64 -9.62 37.13
CA GLY B 210 -6.19 -10.03 38.40
C GLY B 210 -7.58 -10.59 38.23
N VAL B 211 -8.03 -11.30 39.27
CA VAL B 211 -9.39 -11.78 39.36
C VAL B 211 -9.86 -11.59 40.80
N GLY B 212 -11.05 -11.04 40.96
CA GLY B 212 -11.56 -10.78 42.30
C GLY B 212 -10.64 -9.85 43.05
N ASN B 213 -10.25 -10.27 44.25
CA ASN B 213 -9.31 -9.52 45.07
C ASN B 213 -7.87 -9.91 44.85
N CYS B 214 -7.60 -10.90 44.00
CA CYS B 214 -6.25 -11.39 43.75
C CYS B 214 -5.66 -10.72 42.53
N LYS B 215 -4.38 -10.35 42.63
CA LYS B 215 -3.64 -9.71 41.56
C LYS B 215 -2.53 -10.63 41.10
N LEU B 216 -2.52 -10.97 39.82
CA LEU B 216 -1.60 -11.95 39.27
C LEU B 216 -0.65 -11.30 38.27
N ILE B 217 0.49 -11.96 38.08
CA ILE B 217 1.44 -11.65 37.02
C ILE B 217 1.67 -12.92 36.23
N LEU B 218 1.39 -12.90 34.95
CA LEU B 218 1.46 -14.09 34.10
C LEU B 218 2.38 -13.84 32.93
N GLY B 219 3.20 -14.83 32.59
CA GLY B 219 4.04 -14.79 31.43
C GLY B 219 3.43 -15.61 30.31
N ALA B 220 3.18 -14.97 29.18
CA ALA B 220 2.51 -15.60 28.05
C ALA B 220 3.43 -15.63 26.85
N GLU B 221 3.55 -16.79 26.21
CA GLU B 221 4.33 -16.91 24.98
C GLU B 221 3.50 -16.36 23.82
N VAL B 222 3.96 -15.27 23.24
CA VAL B 222 3.23 -14.60 22.17
C VAL B 222 3.71 -15.16 20.84
N ASP B 223 2.76 -15.42 19.94
CA ASP B 223 3.09 -16.00 18.64
C ASP B 223 3.54 -14.94 17.65
N CYS B 224 2.72 -13.91 17.43
CA CYS B 224 2.97 -12.95 16.37
C CYS B 224 2.35 -11.61 16.71
N ILE B 225 2.77 -10.59 15.96
CA ILE B 225 2.11 -9.30 15.92
C ILE B 225 1.30 -9.22 14.65
N PHE B 226 0.02 -8.86 14.78
CA PHE B 226 -0.84 -8.83 13.61
C PHE B 226 -0.60 -7.60 12.75
N ASP B 227 -0.82 -6.42 13.31
CA ASP B 227 -0.80 -5.18 12.52
C ASP B 227 0.54 -4.45 12.60
N PHE B 228 0.92 -3.99 13.79
CA PHE B 228 2.18 -3.28 13.94
C PHE B 228 2.55 -3.23 15.41
N LYS B 229 3.80 -2.86 15.68
CA LYS B 229 4.34 -2.79 17.02
C LYS B 229 4.59 -1.35 17.40
N GLU B 230 4.06 -0.93 18.54
CA GLU B 230 4.33 0.40 19.09
C GLU B 230 5.53 0.30 20.01
N ASN B 231 6.62 0.94 19.64
CA ASN B 231 7.84 0.88 20.44
C ASN B 231 7.65 1.62 21.76
N GLY B 232 7.96 0.95 22.86
CA GLY B 232 7.83 1.55 24.16
C GLY B 232 6.41 1.66 24.69
N ARG B 233 5.47 0.95 24.08
CA ARG B 233 4.07 1.02 24.49
C ARG B 233 3.53 -0.39 24.68
N ASP B 234 2.42 -0.47 25.42
CA ASP B 234 1.71 -1.73 25.60
C ASP B 234 1.23 -2.24 24.24
N ASN B 235 1.55 -3.50 23.95
CA ASN B 235 1.29 -4.06 22.62
C ASN B 235 0.30 -5.22 22.66
N LEU B 236 -0.44 -5.37 23.75
CA LEU B 236 -1.37 -6.49 23.87
C LEU B 236 -2.43 -6.46 22.77
N LYS B 237 -2.91 -5.28 22.40
CA LYS B 237 -3.94 -5.19 21.37
C LYS B 237 -3.42 -5.50 19.98
N HIS B 238 -2.10 -5.63 19.80
CA HIS B 238 -1.52 -5.96 18.51
C HIS B 238 -1.12 -7.42 18.40
N TYR B 239 -1.08 -8.15 19.52
CA TYR B 239 -0.69 -9.55 19.51
C TYR B 239 -1.82 -10.42 18.96
N ALA B 240 -1.44 -11.60 18.47
CA ALA B 240 -2.39 -12.60 18.02
C ALA B 240 -1.91 -13.96 18.49
N GLU B 241 -2.84 -14.92 18.52
CA GLU B 241 -2.54 -16.29 18.95
C GLU B 241 -2.83 -17.25 17.81
N LEU B 242 -1.79 -17.92 17.33
CA LEU B 242 -1.89 -18.85 16.21
C LEU B 242 -2.07 -20.26 16.72
N LYS B 243 -3.01 -20.98 16.13
CA LYS B 243 -3.26 -22.37 16.46
C LYS B 243 -3.57 -23.13 15.18
N CYS B 244 -3.28 -24.42 15.19
CA CYS B 244 -3.58 -25.29 14.06
C CYS B 244 -4.42 -26.46 14.56
N THR B 245 -5.36 -26.90 13.72
CA THR B 245 -6.34 -27.89 14.13
C THR B 245 -6.83 -28.63 12.90
N GLN B 246 -7.48 -29.76 13.15
CA GLN B 246 -8.07 -30.55 12.09
C GLN B 246 -9.27 -29.83 11.49
N GLN B 247 -9.47 -29.98 10.18
CA GLN B 247 -10.60 -29.37 9.52
C GLN B 247 -11.91 -29.96 10.03
N VAL B 248 -12.94 -29.13 10.09
CA VAL B 248 -14.26 -29.59 10.54
C VAL B 248 -15.07 -29.98 9.31
N ALA B 249 -15.80 -31.09 9.43
CA ALA B 249 -16.59 -31.58 8.30
C ALA B 249 -18.02 -31.96 8.68
N ASN B 250 -18.36 -32.04 9.96
CA ASN B 250 -19.70 -32.39 10.40
C ASN B 250 -19.91 -31.79 11.78
N ILE B 251 -21.00 -32.20 12.45
CA ILE B 251 -21.35 -31.58 13.73
C ILE B 251 -20.51 -32.11 14.89
N SER B 252 -20.05 -33.36 14.82
CA SER B 252 -19.18 -33.88 15.88
C SER B 252 -17.85 -33.13 15.90
N ASP B 253 -17.26 -32.92 14.73
CA ASP B 253 -16.06 -32.10 14.66
C ASP B 253 -16.34 -30.65 15.03
N THR B 254 -17.57 -30.18 14.78
CA THR B 254 -17.98 -28.87 15.27
C THR B 254 -17.88 -28.79 16.79
N HIS B 255 -18.39 -29.79 17.49
CA HIS B 255 -18.32 -29.78 18.95
C HIS B 255 -16.88 -29.92 19.45
N LYS B 256 -16.10 -30.80 18.82
CA LYS B 256 -14.70 -30.94 19.18
C LYS B 256 -13.96 -29.61 19.06
N PHE B 257 -14.19 -28.92 17.94
CA PHE B 257 -13.57 -27.62 17.75
C PHE B 257 -14.09 -26.61 18.74
N GLU B 258 -15.35 -26.74 19.17
CA GLU B 258 -15.86 -25.81 20.17
C GLU B 258 -15.13 -25.97 21.50
N ARG B 259 -14.85 -27.20 21.91
CA ARG B 259 -14.04 -27.39 23.13
C ARG B 259 -12.64 -26.83 22.96
N LYS B 260 -12.01 -27.08 21.80
CA LYS B 260 -10.67 -26.54 21.58
C LYS B 260 -10.69 -25.00 21.57
N LEU B 261 -11.72 -24.42 20.96
CA LEU B 261 -11.84 -22.97 20.91
C LEU B 261 -12.09 -22.39 22.29
N PHE B 262 -12.82 -23.10 23.14
CA PHE B 262 -12.98 -22.66 24.53
C PHE B 262 -11.63 -22.62 25.24
N ARG B 263 -10.83 -23.67 25.06
CA ARG B 263 -9.51 -23.67 25.70
C ARG B 263 -8.65 -22.51 25.21
N THR B 264 -8.64 -22.27 23.90
CA THR B 264 -7.83 -21.19 23.35
C THR B 264 -8.35 -19.82 23.79
N TRP B 265 -9.68 -19.67 23.88
CA TRP B 265 -10.24 -18.42 24.39
C TRP B 265 -9.82 -18.18 25.82
N LEU B 266 -9.82 -19.23 26.65
CA LEU B 266 -9.36 -19.06 28.02
C LEU B 266 -7.91 -18.62 28.06
N GLN B 267 -7.07 -19.26 27.23
CA GLN B 267 -5.66 -18.92 27.17
C GLN B 267 -5.45 -17.46 26.79
N CYS B 268 -6.18 -16.97 25.79
CA CYS B 268 -6.01 -15.59 25.33
C CYS B 268 -6.66 -14.59 26.28
N PHE B 269 -7.80 -14.95 26.87
CA PHE B 269 -8.52 -14.06 27.78
C PHE B 269 -7.73 -13.82 29.06
N LEU B 270 -6.99 -14.81 29.54
CA LEU B 270 -6.24 -14.61 30.77
C LEU B 270 -5.22 -13.49 30.67
N VAL B 271 -4.71 -13.22 29.48
CA VAL B 271 -3.68 -12.20 29.29
C VAL B 271 -4.10 -11.06 28.37
N GLY B 272 -5.23 -11.17 27.69
CA GLY B 272 -5.72 -10.07 26.89
C GLY B 272 -5.28 -10.06 25.44
N ILE B 273 -4.95 -11.22 24.87
CA ILE B 273 -4.70 -11.31 23.43
C ILE B 273 -6.04 -11.22 22.73
N PRO B 274 -6.25 -10.24 21.85
CA PRO B 274 -7.58 -10.03 21.27
C PRO B 274 -7.83 -10.78 19.97
N ARG B 275 -6.81 -11.41 19.38
CA ARG B 275 -6.93 -12.07 18.09
C ARG B 275 -6.53 -13.53 18.21
N ILE B 276 -7.32 -14.38 17.57
CA ILE B 276 -7.05 -15.81 17.48
C ILE B 276 -7.12 -16.20 16.02
N ILE B 277 -6.11 -16.94 15.55
CA ILE B 277 -6.05 -17.38 14.16
C ILE B 277 -5.92 -18.90 14.16
N TYR B 278 -6.74 -19.56 13.35
CA TYR B 278 -6.77 -21.01 13.25
C TYR B 278 -6.48 -21.46 11.84
N GLY B 279 -5.49 -22.34 11.69
CA GLY B 279 -5.25 -23.04 10.46
C GLY B 279 -5.89 -24.42 10.52
N PHE B 280 -6.88 -24.63 9.68
CA PHE B 280 -7.55 -25.92 9.57
C PHE B 280 -6.86 -26.72 8.48
N LYS B 281 -6.36 -27.90 8.85
CA LYS B 281 -5.64 -28.80 7.96
C LYS B 281 -6.43 -30.09 7.78
N ASP B 282 -6.08 -30.83 6.74
CA ASP B 282 -6.77 -32.06 6.40
C ASP B 282 -5.99 -33.27 6.90
N ASP B 283 -6.46 -34.46 6.51
CA ASP B 283 -5.83 -35.70 6.97
C ASP B 283 -4.42 -35.88 6.42
N HIS B 284 -4.06 -35.14 5.37
CA HIS B 284 -2.73 -35.22 4.77
C HIS B 284 -1.82 -34.09 5.22
N TYR B 285 -2.18 -33.38 6.30
CA TYR B 285 -1.38 -32.30 6.85
C TYR B 285 -1.15 -31.18 5.83
N VAL B 286 -2.19 -30.88 5.06
CA VAL B 286 -2.18 -29.81 4.08
C VAL B 286 -3.11 -28.72 4.58
N LEU B 287 -2.62 -27.47 4.60
CA LEU B 287 -3.40 -26.37 5.13
C LEU B 287 -4.61 -26.10 4.23
N LYS B 288 -5.80 -26.45 4.71
CA LYS B 288 -7.04 -26.18 4.01
C LYS B 288 -7.48 -24.73 4.10
N THR B 289 -7.52 -24.16 5.31
CA THR B 289 -8.07 -22.82 5.44
C THR B 289 -7.53 -22.14 6.70
N VAL B 290 -7.82 -20.86 6.83
CA VAL B 290 -7.48 -20.07 8.00
C VAL B 290 -8.70 -19.23 8.38
N GLU B 291 -9.01 -19.18 9.67
CA GLU B 291 -10.13 -18.41 10.19
C GLU B 291 -9.68 -17.55 11.37
N GLU B 292 -10.29 -16.38 11.50
CA GLU B 292 -9.92 -15.42 12.52
C GLU B 292 -11.07 -15.19 13.49
N PHE B 293 -10.77 -15.23 14.78
CA PHE B 293 -11.71 -14.98 15.84
C PHE B 293 -11.20 -13.83 16.71
N SER B 294 -12.12 -13.10 17.31
CA SER B 294 -11.77 -12.13 18.34
C SER B 294 -12.14 -12.72 19.68
N THR B 295 -11.22 -12.66 20.65
CA THR B 295 -11.44 -13.33 21.91
C THR B 295 -12.63 -12.75 22.66
N GLU B 296 -13.09 -11.56 22.28
CA GLU B 296 -14.26 -10.97 22.94
C GLU B 296 -15.55 -11.62 22.48
N GLU B 297 -15.62 -12.03 21.22
CA GLU B 297 -16.85 -12.61 20.68
C GLU B 297 -16.93 -14.12 20.84
N VAL B 298 -15.87 -14.77 21.31
CA VAL B 298 -15.89 -16.23 21.43
C VAL B 298 -16.94 -16.72 22.42
N PRO B 299 -17.10 -16.12 23.61
CA PRO B 299 -18.17 -16.62 24.51
C PRO B 299 -19.56 -16.54 23.90
N VAL B 300 -19.87 -15.46 23.17
CA VAL B 300 -21.18 -15.34 22.55
C VAL B 300 -21.35 -16.35 21.43
N LEU B 301 -20.30 -16.57 20.63
CA LEU B 301 -20.35 -17.56 19.57
C LEU B 301 -20.57 -18.96 20.13
N LEU B 302 -19.85 -19.30 21.21
CA LEU B 302 -20.01 -20.59 21.85
C LEU B 302 -21.42 -20.75 22.41
N LYS B 303 -21.97 -19.69 23.02
CA LYS B 303 -23.33 -19.76 23.51
C LYS B 303 -24.33 -19.97 22.39
N ASN B 304 -24.15 -19.27 21.27
CA ASN B 304 -25.06 -19.42 20.14
C ASN B 304 -24.94 -20.77 19.46
N ASN B 305 -23.78 -21.42 19.56
CA ASN B 305 -23.56 -22.70 18.89
C ASN B 305 -23.65 -23.90 19.83
N ASN B 306 -23.19 -23.75 21.07
CA ASN B 306 -23.22 -24.84 22.04
C ASN B 306 -23.32 -24.24 23.44
N PRO B 307 -24.53 -24.09 23.97
CA PRO B 307 -24.68 -23.43 25.28
C PRO B 307 -23.93 -24.11 26.41
N GLN B 308 -23.78 -25.44 26.34
CA GLN B 308 -23.06 -26.15 27.40
C GLN B 308 -21.62 -25.66 27.51
N VAL B 309 -20.97 -25.43 26.37
CA VAL B 309 -19.62 -24.86 26.40
C VAL B 309 -19.67 -23.34 26.56
N GLY B 310 -20.78 -22.71 26.15
CA GLY B 310 -20.88 -21.26 26.27
C GLY B 310 -20.93 -20.79 27.71
N SER B 311 -21.70 -21.46 28.55
CA SER B 311 -21.77 -21.11 29.97
C SER B 311 -20.48 -21.43 30.70
N ALA B 312 -19.66 -22.34 30.15
CA ALA B 312 -18.39 -22.69 30.75
C ALA B 312 -17.45 -21.50 30.88
N CYS B 313 -17.65 -20.45 30.08
CA CYS B 313 -16.80 -19.27 30.22
C CYS B 313 -17.03 -18.58 31.56
N LEU B 314 -18.28 -18.29 31.89
CA LEU B 314 -18.59 -17.70 33.19
C LEU B 314 -18.26 -18.66 34.32
N GLU B 315 -18.54 -19.96 34.13
CA GLU B 315 -18.18 -20.93 35.15
C GLU B 315 -16.67 -20.92 35.39
N ALA B 316 -15.89 -20.77 34.32
CA ALA B 316 -14.44 -20.76 34.44
C ALA B 316 -13.95 -19.52 35.16
N ILE B 317 -14.57 -18.37 34.89
CA ILE B 317 -14.14 -17.16 35.59
C ILE B 317 -14.46 -17.26 37.08
N LYS B 318 -15.65 -17.77 37.42
CA LYS B 318 -15.99 -17.95 38.83
C LYS B 318 -15.05 -18.95 39.51
N TRP B 319 -14.76 -20.06 38.84
CA TRP B 319 -13.86 -21.07 39.36
C TRP B 319 -12.44 -20.53 39.51
N TYR B 320 -12.01 -19.69 38.58
CA TYR B 320 -10.71 -19.03 38.66
C TYR B 320 -10.63 -18.12 39.88
N GLY B 321 -11.66 -17.31 40.10
CA GLY B 321 -11.68 -16.47 41.29
C GLY B 321 -11.67 -17.28 42.58
N LEU B 322 -12.47 -18.35 42.63
CA LEU B 322 -12.50 -19.19 43.82
C LEU B 322 -11.16 -19.87 44.06
N LEU B 323 -10.53 -20.37 43.00
CA LEU B 323 -9.23 -21.02 43.13
C LEU B 323 -8.18 -20.06 43.64
N THR B 324 -8.12 -18.85 43.08
CA THR B 324 -7.14 -17.87 43.54
C THR B 324 -7.40 -17.46 44.99
N GLU B 325 -8.67 -17.28 45.35
CA GLU B 325 -9.00 -16.93 46.73
C GLU B 325 -8.58 -18.04 47.69
N TRP B 326 -8.84 -19.29 47.34
CA TRP B 326 -8.45 -20.41 48.19
C TRP B 326 -6.93 -20.49 48.34
N LEU B 327 -6.20 -20.32 47.24
CA LEU B 327 -4.75 -20.37 47.30
C LEU B 327 -4.19 -19.25 48.16
N LEU B 328 -4.77 -18.05 48.07
CA LEU B 328 -4.30 -16.97 48.92
C LEU B 328 -4.67 -17.19 50.38
N LYS B 329 -5.81 -17.81 50.65
CA LYS B 329 -6.25 -18.01 52.02
C LYS B 329 -5.46 -19.11 52.72
N MET B 330 -5.23 -20.23 52.04
CA MET B 330 -4.63 -21.39 52.68
C MET B 330 -3.11 -21.36 52.73
N ILE B 331 -2.47 -20.46 52.00
CA ILE B 331 -1.02 -20.34 51.96
C ILE B 331 -0.62 -19.14 52.81
N PRO B 332 0.13 -19.32 53.90
CA PRO B 332 0.52 -18.16 54.71
C PRO B 332 1.67 -17.41 54.06
N ARG B 333 1.54 -16.08 53.98
CA ARG B 333 2.50 -15.23 53.32
C ARG B 333 3.11 -14.26 54.34
N ASP B 334 4.43 -14.10 54.27
CA ASP B 334 5.16 -13.16 55.10
C ASP B 334 5.77 -12.08 54.21
N GLU B 335 5.47 -10.82 54.52
CA GLU B 335 5.93 -9.72 53.70
C GLU B 335 7.43 -9.44 53.87
N ASP B 336 8.08 -10.04 54.85
CA ASP B 336 9.50 -9.81 55.06
C ASP B 336 10.32 -10.69 54.13
N PRO B 337 11.20 -10.11 53.30
CA PRO B 337 12.03 -10.95 52.42
C PRO B 337 12.97 -11.87 53.18
N HIS B 338 13.37 -11.51 54.40
CA HIS B 338 14.27 -12.33 55.19
C HIS B 338 13.55 -13.40 55.99
N SER B 339 12.21 -13.48 55.91
CA SER B 339 11.46 -14.47 56.64
C SER B 339 11.72 -15.87 56.07
N GLN B 340 11.15 -16.87 56.72
CA GLN B 340 11.34 -18.26 56.31
C GLN B 340 10.56 -18.52 55.03
N ILE B 341 11.25 -19.05 54.02
CA ILE B 341 10.59 -19.41 52.77
C ILE B 341 9.90 -20.76 52.94
N ARG B 342 8.67 -20.85 52.45
CA ARG B 342 7.86 -22.06 52.52
C ARG B 342 7.59 -22.59 51.12
N ALA B 343 7.60 -23.91 51.00
CA ALA B 343 7.38 -24.59 49.72
C ALA B 343 6.21 -25.56 49.86
N PHE B 344 5.37 -25.61 48.82
CA PHE B 344 4.16 -26.41 48.80
C PHE B 344 4.05 -27.09 47.45
N LYS B 345 3.28 -28.18 47.42
CA LYS B 345 3.08 -28.97 46.22
C LYS B 345 1.58 -29.09 45.98
N LEU B 346 1.15 -28.76 44.76
CA LEU B 346 -0.26 -28.83 44.38
C LEU B 346 -0.44 -29.83 43.26
N VAL B 347 -1.44 -30.70 43.40
CA VAL B 347 -1.70 -31.76 42.45
C VAL B 347 -3.21 -31.87 42.24
N PHE B 348 -3.65 -31.99 40.99
CA PHE B 348 -5.06 -32.22 40.70
C PHE B 348 -5.28 -33.71 40.53
N GLU B 349 -5.96 -34.32 41.49
CA GLU B 349 -6.26 -35.74 41.41
C GLU B 349 -7.53 -36.04 42.19
N ASN B 350 -8.20 -37.13 41.80
CA ASN B 350 -9.41 -37.60 42.47
C ASN B 350 -10.44 -36.49 42.61
N ASN B 351 -10.59 -35.72 41.53
CA ASN B 351 -11.60 -34.66 41.44
C ASN B 351 -11.36 -33.56 42.47
N HIS B 352 -10.12 -33.43 42.96
CA HIS B 352 -9.80 -32.44 43.96
C HIS B 352 -8.42 -31.85 43.68
N LEU B 353 -8.28 -30.57 44.01
CA LEU B 353 -6.98 -29.92 44.09
C LEU B 353 -6.40 -30.14 45.48
N ARG B 354 -5.25 -30.82 45.55
CA ARG B 354 -4.60 -31.16 46.81
C ARG B 354 -3.36 -30.30 46.97
N LEU B 355 -3.30 -29.55 48.06
CA LEU B 355 -2.16 -28.72 48.42
C LEU B 355 -1.53 -29.30 49.67
N SER B 356 -0.20 -29.49 49.64
CA SER B 356 0.49 -30.03 50.80
C SER B 356 1.86 -29.40 50.91
N GLU B 357 2.19 -28.89 52.10
CA GLU B 357 3.49 -28.29 52.32
C GLU B 357 4.59 -29.33 52.21
N ILE B 358 5.72 -28.93 51.62
CA ILE B 358 6.86 -29.84 51.47
C ILE B 358 7.69 -29.77 52.74
N GLU B 359 7.88 -30.91 53.38
CA GLU B 359 8.60 -30.98 54.64
C GLU B 359 10.11 -30.99 54.39
N GLU B 360 10.86 -30.71 55.45
CA GLU B 360 12.32 -30.69 55.35
C GLU B 360 12.88 -32.07 55.03
N SER B 361 12.17 -33.13 55.41
CA SER B 361 12.63 -34.49 55.10
C SER B 361 12.49 -34.81 53.63
N ASP B 362 11.66 -34.07 52.89
CA ASP B 362 11.49 -34.32 51.46
C ASP B 362 12.77 -33.94 50.71
N GLU B 363 13.05 -34.70 49.64
CA GLU B 363 14.27 -34.45 48.86
C GLU B 363 14.19 -33.18 48.04
N GLU B 364 12.98 -32.65 47.79
CA GLU B 364 12.81 -31.44 47.02
C GLU B 364 12.91 -30.17 47.88
N TYR B 365 12.95 -30.30 49.20
CA TYR B 365 12.98 -29.12 50.06
C TYR B 365 14.25 -28.31 49.85
N SER B 366 15.40 -28.98 49.74
CA SER B 366 16.66 -28.25 49.60
C SER B 366 16.72 -27.48 48.29
N GLY B 367 16.22 -28.07 47.21
CA GLY B 367 16.23 -27.38 45.93
C GLY B 367 15.34 -26.16 45.91
N LEU B 368 14.13 -26.28 46.43
CA LEU B 368 13.17 -25.18 46.35
C LEU B 368 13.48 -24.08 47.35
N ILE B 369 13.91 -24.43 48.56
CA ILE B 369 14.06 -23.43 49.61
C ILE B 369 15.42 -22.74 49.52
N ASP B 370 16.49 -23.52 49.40
CA ASP B 370 17.85 -23.00 49.38
C ASP B 370 18.54 -23.30 48.06
N GLY B 371 17.80 -23.19 46.96
CA GLY B 371 18.37 -23.43 45.65
C GLY B 371 17.57 -22.72 44.58
N GLU B 372 18.12 -22.74 43.38
CA GLU B 372 17.54 -22.05 42.23
C GLU B 372 16.72 -23.04 41.42
N HIS B 373 15.68 -23.59 42.04
CA HIS B 373 14.71 -24.41 41.32
C HIS B 373 13.44 -23.62 41.11
N ILE B 374 12.94 -23.00 42.19
CA ILE B 374 11.77 -22.14 42.08
C ILE B 374 12.18 -20.71 41.80
N LEU B 375 13.18 -20.20 42.52
CA LEU B 375 13.55 -18.80 42.44
C LEU B 375 15.05 -18.69 42.23
N SER B 376 15.44 -17.86 41.28
CA SER B 376 16.85 -17.64 41.00
C SER B 376 17.50 -16.86 42.14
N ASN B 377 18.82 -17.02 42.25
CA ASN B 377 19.56 -16.35 43.32
C ASN B 377 19.51 -14.84 43.15
N GLY B 378 19.64 -14.35 41.92
CA GLY B 378 19.66 -12.91 41.69
C GLY B 378 18.35 -12.25 42.06
N PHE B 379 17.22 -12.87 41.70
CA PHE B 379 15.92 -12.31 42.02
C PHE B 379 15.72 -12.23 43.54
N LYS B 380 16.04 -13.30 44.25
CA LYS B 380 15.82 -13.30 45.69
C LYS B 380 16.76 -12.33 46.40
N GLU B 381 18.01 -12.20 45.92
CA GLU B 381 18.90 -11.23 46.57
C GLU B 381 18.51 -9.80 46.24
N TRP B 382 17.96 -9.55 45.04
CA TRP B 382 17.42 -8.23 44.74
C TRP B 382 16.22 -7.91 45.62
N ARG B 383 15.32 -8.88 45.80
CA ARG B 383 14.17 -8.67 46.67
C ARG B 383 14.60 -8.42 48.11
N LYS B 384 15.61 -9.15 48.59
CA LYS B 384 16.13 -8.92 49.93
C LYS B 384 16.76 -7.54 50.06
N SER B 385 17.46 -7.09 49.01
CA SER B 385 18.13 -5.79 49.07
C SER B 385 17.15 -4.63 49.14
N LEU B 386 15.88 -4.85 48.81
CA LEU B 386 14.87 -3.80 48.87
C LEU B 386 14.53 -3.45 50.31
N ASP C 275 -30.71 -13.51 34.59
CA ASP C 275 -29.93 -12.60 35.43
C ASP C 275 -28.46 -12.96 35.42
N GLU C 276 -28.17 -14.26 35.49
CA GLU C 276 -26.79 -14.75 35.54
C GLU C 276 -26.38 -15.52 34.29
N ASP C 277 -27.33 -16.08 33.54
CA ASP C 277 -26.99 -16.82 32.34
C ASP C 277 -26.56 -15.89 31.21
N ASN C 278 -27.12 -14.68 31.17
CA ASN C 278 -26.82 -13.72 30.11
C ASN C 278 -25.55 -12.92 30.37
N ILE C 279 -24.86 -13.19 31.47
CA ILE C 279 -23.64 -12.47 31.81
C ILE C 279 -22.48 -13.02 30.97
N ILE C 280 -21.75 -12.11 30.33
CA ILE C 280 -20.57 -12.47 29.53
C ILE C 280 -19.33 -12.12 30.34
N PRO C 281 -18.31 -12.98 30.36
CA PRO C 281 -17.04 -12.60 31.00
C PRO C 281 -16.44 -11.38 30.32
N THR C 282 -16.14 -10.36 31.13
CA THR C 282 -15.65 -9.09 30.63
C THR C 282 -14.46 -8.65 31.46
N TYR C 283 -13.82 -7.57 31.02
CA TYR C 283 -12.72 -6.96 31.75
C TYR C 283 -13.23 -5.79 32.55
N GLU C 284 -12.59 -5.52 33.68
CA GLU C 284 -12.90 -4.38 34.52
C GLU C 284 -11.67 -3.51 34.68
N VAL C 285 -11.89 -2.22 34.92
CA VAL C 285 -10.79 -1.30 35.15
C VAL C 285 -10.13 -1.60 36.48
N GLY C 286 -8.81 -1.61 36.50
CA GLY C 286 -8.07 -1.89 37.70
C GLY C 286 -7.11 -0.77 38.03
N ASP C 287 -6.73 -0.72 39.31
CA ASP C 287 -5.80 0.31 39.78
C ASP C 287 -4.44 0.11 39.13
N GLY C 288 -3.84 1.20 38.63
CA GLY C 288 -2.58 1.11 37.94
C GLY C 288 -1.69 2.30 38.27
N ASP C 289 -0.41 2.13 37.98
CA ASP C 289 0.60 3.17 38.18
C ASP C 289 1.03 3.70 36.83
N ASP C 290 0.77 4.99 36.59
CA ASP C 290 1.10 5.65 35.32
C ASP C 290 0.47 4.94 34.13
MG MG D . 0.37 -20.88 19.40
#